data_4UUN
#
_entry.id   4UUN
#
_cell.length_a   82.570
_cell.length_b   59.610
_cell.length_c   86.490
_cell.angle_alpha   90.00
_cell.angle_beta   116.18
_cell.angle_gamma   90.00
#
_symmetry.space_group_name_H-M   'P 1 21 1'
#
loop_
_entity.id
_entity.type
_entity.pdbx_description
1 polymer 'L-LACTATE DEHYDROGENASE'
2 non-polymer '1,4-DIHYDRONICOTINAMIDE ADENINE DINUCLEOTIDE'
3 water water
#
_entity_poly.entity_id   1
_entity_poly.type   'polypeptide(L)'
_entity_poly.pdbx_seq_one_letter_code
;MSEAAHVLITGAAGQIGYILSHWIASGELYGDRQVYLHLLDIPPAMNRLTALTMELEDCAFPHLAGFVATTDPKAAFKDI
DCAFLVASMPLKPGQVRADLISSNSVIFKNTGEYLSKWAKPSVKVLVIGNPDNTNCEIAMLHAKNLKPENFSSLSMLDQN
RAYYEVASKLGVDVKDVHDIIVWGNHGESMVADLTQATFTKEGKTQKVVDVLDHDYVFDTFFKKIGHRAWDILEHRGFTS
AASPTKAAIQHMKAWLFGTAPGEVLSMGIPVPEGNPYGIKPGVVFSFPCNVDKEGKIHVVEGFKVNDWLREKLDFTEKDL
FHEKEIALNHLAQLEHHHHHH
;
_entity_poly.pdbx_strand_id   A,B
#
# COMPACT_ATOMS: atom_id res chain seq x y z
N SER A 2 1.69 -12.37 22.87
CA SER A 2 2.55 -12.89 21.82
C SER A 2 3.74 -11.98 21.60
N GLU A 3 4.89 -12.57 21.26
CA GLU A 3 6.06 -11.76 20.92
C GLU A 3 5.96 -11.40 19.44
N ALA A 4 6.60 -10.30 19.07
CA ALA A 4 6.53 -9.80 17.71
C ALA A 4 7.14 -10.79 16.71
N ALA A 5 6.53 -10.88 15.53
CA ALA A 5 7.09 -11.67 14.44
C ALA A 5 8.13 -10.82 13.73
N HIS A 6 9.30 -11.39 13.49
CA HIS A 6 10.40 -10.67 12.83
C HIS A 6 10.43 -10.96 11.34
N VAL A 7 10.26 -9.90 10.55
CA VAL A 7 10.04 -10.01 9.11
C VAL A 7 11.13 -9.29 8.33
N LEU A 8 11.92 -10.05 7.57
CA LEU A 8 12.95 -9.48 6.70
C LEU A 8 12.41 -9.10 5.32
N ILE A 9 12.82 -7.93 4.84
CA ILE A 9 12.60 -7.51 3.45
C ILE A 9 13.94 -7.04 2.90
N THR A 10 14.42 -7.71 1.86
CA THR A 10 15.64 -7.28 1.18
C THR A 10 15.24 -6.31 0.09
N GLY A 11 16.20 -5.51 -0.37
CA GLY A 11 15.88 -4.46 -1.31
C GLY A 11 14.83 -3.51 -0.76
N ALA A 12 14.85 -3.35 0.56
CA ALA A 12 13.78 -2.64 1.27
C ALA A 12 13.51 -1.21 0.78
N ALA A 13 14.55 -0.53 0.30
CA ALA A 13 14.41 0.86 -0.09
C ALA A 13 13.82 1.03 -1.50
N GLY A 14 13.59 -0.07 -2.20
CA GLY A 14 13.01 -0.01 -3.54
C GLY A 14 11.50 0.11 -3.54
N GLN A 15 10.91 0.13 -4.74
CA GLN A 15 9.46 0.33 -4.88
C GLN A 15 8.63 -0.74 -4.16
N ILE A 16 8.96 -2.00 -4.39
CA ILE A 16 8.24 -3.08 -3.75
C ILE A 16 8.44 -3.00 -2.25
N GLY A 17 9.69 -2.81 -1.83
CA GLY A 17 10.01 -2.73 -0.42
C GLY A 17 9.22 -1.66 0.31
N TYR A 18 9.06 -0.52 -0.36
CA TYR A 18 8.34 0.64 0.17
C TYR A 18 6.90 0.30 0.52
N ILE A 19 6.20 -0.32 -0.42
CA ILE A 19 4.79 -0.68 -0.24
C ILE A 19 4.63 -1.88 0.68
N LEU A 20 5.43 -2.91 0.45
CA LEU A 20 5.42 -4.13 1.26
C LEU A 20 5.61 -3.85 2.76
N SER A 21 6.60 -3.02 3.10
CA SER A 21 6.86 -2.70 4.49
CA SER A 21 6.87 -2.65 4.48
C SER A 21 5.63 -2.05 5.15
N HIS A 22 5.04 -1.07 4.48
CA HIS A 22 3.86 -0.40 5.01
C HIS A 22 2.65 -1.34 5.16
N TRP A 23 2.41 -2.17 4.15
N TRP A 23 2.39 -2.17 4.17
CA TRP A 23 1.27 -3.09 4.14
CA TRP A 23 1.22 -3.04 4.23
C TRP A 23 1.40 -4.08 5.31
C TRP A 23 1.38 -4.12 5.31
N ILE A 24 2.60 -4.59 5.53
CA ILE A 24 2.85 -5.53 6.61
C ILE A 24 2.70 -4.81 7.96
N ALA A 25 3.28 -3.62 8.05
CA ALA A 25 3.18 -2.84 9.30
C ALA A 25 1.74 -2.45 9.65
N SER A 26 0.86 -2.42 8.65
CA SER A 26 -0.55 -2.13 8.87
C SER A 26 -1.33 -3.28 9.54
N GLY A 27 -0.68 -4.43 9.67
CA GLY A 27 -1.30 -5.58 10.32
C GLY A 27 -1.91 -6.62 9.39
N GLU A 28 -1.76 -6.44 8.09
CA GLU A 28 -2.45 -7.28 7.11
C GLU A 28 -1.85 -8.68 6.97
N LEU A 29 -0.62 -8.87 7.44
CA LEU A 29 0.02 -10.19 7.29
C LEU A 29 -0.20 -11.09 8.52
N TYR A 30 0.22 -10.63 9.70
CA TYR A 30 0.20 -11.45 10.91
C TYR A 30 -1.02 -11.24 11.81
N GLY A 31 -2.03 -10.51 11.33
CA GLY A 31 -3.21 -10.25 12.13
C GLY A 31 -2.92 -9.40 13.36
N ASP A 32 -3.32 -9.88 14.54
CA ASP A 32 -3.20 -9.08 15.77
C ASP A 32 -1.76 -9.00 16.27
N ARG A 33 -0.94 -9.95 15.84
CA ARG A 33 0.43 -10.04 16.32
C ARG A 33 1.25 -8.86 15.78
N GLN A 34 2.08 -8.27 16.63
CA GLN A 34 2.94 -7.18 16.19
C GLN A 34 4.04 -7.73 15.27
N VAL A 35 4.58 -6.85 14.43
CA VAL A 35 5.70 -7.22 13.57
C VAL A 35 6.88 -6.31 13.86
N TYR A 36 8.07 -6.86 13.64
CA TYR A 36 9.32 -6.14 13.79
C TYR A 36 10.07 -6.27 12.47
N LEU A 37 10.13 -5.19 11.72
CA LEU A 37 10.68 -5.25 10.37
C LEU A 37 12.21 -5.20 10.36
N HIS A 38 12.80 -6.11 9.60
CA HIS A 38 14.22 -6.04 9.28
C HIS A 38 14.32 -5.58 7.83
N LEU A 39 14.87 -4.40 7.65
CA LEU A 39 14.92 -3.74 6.35
C LEU A 39 16.36 -3.67 5.85
N LEU A 40 16.68 -4.49 4.84
CA LEU A 40 18.04 -4.58 4.33
C LEU A 40 18.17 -3.96 2.94
N ASP A 41 19.21 -3.17 2.74
CA ASP A 41 19.55 -2.72 1.39
C ASP A 41 21.04 -2.45 1.32
N ILE A 42 21.50 -1.94 0.18
CA ILE A 42 22.93 -1.76 -0.05
C ILE A 42 23.36 -0.33 0.24
N PRO A 43 24.67 -0.11 0.45
CA PRO A 43 25.18 1.21 0.87
C PRO A 43 24.64 2.43 0.11
N PRO A 44 24.57 2.38 -1.23
CA PRO A 44 24.08 3.58 -1.91
C PRO A 44 22.61 3.92 -1.67
N ALA A 45 21.87 3.01 -1.04
CA ALA A 45 20.44 3.21 -0.81
C ALA A 45 20.08 3.61 0.62
N MET A 46 21.09 3.93 1.42
N MET A 46 21.07 3.95 1.43
CA MET A 46 20.92 4.25 2.83
CA MET A 46 20.80 4.21 2.85
C MET A 46 19.94 5.40 3.06
C MET A 46 19.96 5.45 3.13
N ASN A 47 20.07 6.47 2.28
CA ASN A 47 19.22 7.64 2.43
C ASN A 47 17.77 7.32 2.11
N ARG A 48 17.54 6.56 1.04
CA ARG A 48 16.19 6.13 0.70
C ARG A 48 15.63 5.20 1.77
N LEU A 49 16.49 4.41 2.38
CA LEU A 49 16.08 3.52 3.46
C LEU A 49 15.67 4.35 4.68
N THR A 50 16.46 5.37 4.99
CA THR A 50 16.14 6.28 6.08
C THR A 50 14.79 6.95 5.86
N ALA A 51 14.54 7.40 4.64
CA ALA A 51 13.27 8.01 4.27
C ALA A 51 12.10 7.06 4.50
N LEU A 52 12.27 5.80 4.11
CA LEU A 52 11.27 4.79 4.35
C LEU A 52 10.95 4.63 5.83
N THR A 53 11.98 4.57 6.67
CA THR A 53 11.74 4.42 8.11
C THR A 53 10.96 5.61 8.70
N MET A 54 11.24 6.81 8.20
N MET A 54 11.25 6.82 8.20
CA MET A 54 10.57 8.01 8.69
CA MET A 54 10.57 8.02 8.69
C MET A 54 9.08 7.97 8.38
C MET A 54 9.08 7.97 8.38
N GLU A 55 8.73 7.49 7.19
CA GLU A 55 7.33 7.36 6.83
C GLU A 55 6.64 6.26 7.64
N LEU A 56 7.31 5.12 7.85
CA LEU A 56 6.76 4.07 8.70
C LEU A 56 6.44 4.63 10.07
N GLU A 57 7.39 5.38 10.63
CA GLU A 57 7.21 6.05 11.91
C GLU A 57 5.99 6.96 11.88
N ASP A 58 5.87 7.73 10.81
CA ASP A 58 4.80 8.73 10.68
C ASP A 58 3.38 8.14 10.46
N CYS A 59 3.28 6.82 10.33
CA CYS A 59 1.99 6.16 10.29
C CYS A 59 1.42 5.83 11.68
N ALA A 60 2.28 5.87 12.69
CA ALA A 60 1.90 5.46 14.04
C ALA A 60 1.15 4.12 14.05
N PHE A 61 1.71 3.12 13.37
CA PHE A 61 1.14 1.78 13.29
C PHE A 61 1.15 1.08 14.64
N PRO A 62 -0.03 0.69 15.16
CA PRO A 62 0.01 -0.06 16.43
C PRO A 62 0.64 -1.46 16.29
N HIS A 63 0.61 -2.02 15.08
CA HIS A 63 1.21 -3.35 14.85
C HIS A 63 2.74 -3.32 14.75
N LEU A 64 3.35 -2.14 14.62
CA LEU A 64 4.80 -2.07 14.45
C LEU A 64 5.52 -2.00 15.79
N ALA A 65 6.15 -3.11 16.18
CA ALA A 65 6.89 -3.17 17.44
C ALA A 65 8.19 -2.40 17.34
N GLY A 66 8.76 -2.36 16.13
CA GLY A 66 10.05 -1.74 15.92
C GLY A 66 10.63 -2.15 14.58
N PHE A 67 11.85 -1.72 14.29
CA PHE A 67 12.50 -2.10 13.06
C PHE A 67 14.01 -1.95 13.11
N VAL A 68 14.70 -2.72 12.27
N VAL A 68 14.67 -2.76 12.28
CA VAL A 68 16.12 -2.51 12.02
CA VAL A 68 16.08 -2.60 11.94
C VAL A 68 16.28 -2.20 10.53
C VAL A 68 16.10 -2.06 10.53
N ALA A 69 17.02 -1.14 10.25
CA ALA A 69 17.22 -0.65 8.88
C ALA A 69 18.70 -0.46 8.68
N THR A 70 19.27 -1.29 7.81
CA THR A 70 20.70 -1.59 7.86
C THR A 70 21.26 -2.11 6.54
N THR A 71 22.58 -2.05 6.42
CA THR A 71 23.30 -2.71 5.33
C THR A 71 24.00 -3.96 5.85
N ASP A 72 23.89 -4.21 7.15
CA ASP A 72 24.58 -5.32 7.78
C ASP A 72 23.78 -6.62 7.70
N PRO A 73 24.36 -7.67 7.08
CA PRO A 73 23.66 -8.96 6.99
C PRO A 73 23.21 -9.52 8.34
N LYS A 74 24.09 -9.55 9.33
CA LYS A 74 23.74 -10.19 10.60
C LYS A 74 22.53 -9.55 11.27
N ALA A 75 22.50 -8.22 11.30
CA ALA A 75 21.38 -7.51 11.92
C ALA A 75 20.09 -7.80 11.15
N ALA A 76 20.19 -7.91 9.84
CA ALA A 76 19.02 -8.10 9.00
C ALA A 76 18.40 -9.49 9.13
N PHE A 77 19.25 -10.52 9.27
CA PHE A 77 18.77 -11.91 9.28
C PHE A 77 18.56 -12.52 10.67
N LYS A 78 19.00 -11.82 11.71
CA LYS A 78 19.01 -12.38 13.07
C LYS A 78 17.62 -12.71 13.62
N ASP A 79 17.38 -13.99 13.87
CA ASP A 79 16.15 -14.46 14.53
C ASP A 79 14.87 -14.11 13.77
N ILE A 80 14.96 -14.02 12.44
CA ILE A 80 13.77 -13.71 11.65
C ILE A 80 12.82 -14.91 11.55
N ASP A 81 11.52 -14.61 11.45
CA ASP A 81 10.46 -15.62 11.31
C ASP A 81 10.05 -15.86 9.86
N CYS A 82 10.13 -14.82 9.03
CA CYS A 82 9.92 -14.97 7.59
C CYS A 82 10.72 -13.93 6.83
N ALA A 83 10.83 -14.13 5.52
CA ALA A 83 11.64 -13.26 4.69
C ALA A 83 11.02 -13.12 3.30
N PHE A 84 11.01 -11.89 2.82
CA PHE A 84 10.66 -11.58 1.44
C PHE A 84 11.95 -11.20 0.73
N LEU A 85 12.50 -12.12 -0.04
CA LEU A 85 13.76 -11.90 -0.75
C LEU A 85 13.48 -11.22 -2.07
N VAL A 86 13.38 -9.90 -2.01
CA VAL A 86 13.00 -9.09 -3.16
C VAL A 86 14.22 -8.70 -3.98
N ALA A 87 15.32 -8.39 -3.29
CA ALA A 87 16.51 -7.90 -3.97
C ALA A 87 17.15 -8.97 -4.86
N SER A 88 17.69 -8.53 -6.00
CA SER A 88 18.45 -9.38 -6.89
C SER A 88 19.32 -8.51 -7.78
N MET A 89 20.33 -9.12 -8.40
N MET A 89 20.32 -9.13 -8.40
CA MET A 89 21.19 -8.39 -9.33
CA MET A 89 21.19 -8.43 -9.36
C MET A 89 20.46 -8.24 -10.66
C MET A 89 20.43 -8.25 -10.67
N PRO A 90 20.24 -6.99 -11.10
CA PRO A 90 19.54 -6.79 -12.37
C PRO A 90 20.40 -7.16 -13.58
N LEU A 91 19.75 -7.48 -14.69
CA LEU A 91 20.46 -7.76 -15.93
C LEU A 91 21.14 -6.49 -16.41
N LYS A 92 22.44 -6.60 -16.69
CA LYS A 92 23.20 -5.46 -17.19
C LYS A 92 23.17 -5.47 -18.72
N PRO A 93 23.22 -4.29 -19.36
CA PRO A 93 23.14 -4.20 -20.81
C PRO A 93 24.15 -5.10 -21.53
N GLY A 94 23.66 -5.95 -22.41
CA GLY A 94 24.53 -6.83 -23.18
C GLY A 94 24.70 -8.21 -22.58
N GLN A 95 24.05 -8.45 -21.44
CA GLN A 95 24.10 -9.75 -20.78
C GLN A 95 22.93 -10.63 -21.21
N VAL A 96 23.14 -11.94 -21.14
CA VAL A 96 22.12 -12.91 -21.47
C VAL A 96 21.66 -13.60 -20.19
N ARG A 97 20.66 -14.47 -20.30
CA ARG A 97 20.05 -15.07 -19.11
C ARG A 97 21.05 -15.88 -18.29
N ALA A 98 21.99 -16.53 -18.98
CA ALA A 98 23.04 -17.28 -18.30
C ALA A 98 23.81 -16.35 -17.36
N ASP A 99 24.03 -15.11 -17.79
CA ASP A 99 24.72 -14.13 -16.98
C ASP A 99 23.88 -13.75 -15.76
N LEU A 100 22.58 -13.59 -15.98
CA LEU A 100 21.67 -13.23 -14.90
C LEU A 100 21.64 -14.32 -13.83
N ILE A 101 21.57 -15.58 -14.28
CA ILE A 101 21.58 -16.70 -13.36
C ILE A 101 22.90 -16.71 -12.60
N SER A 102 23.99 -16.50 -13.32
CA SER A 102 25.32 -16.61 -12.72
C SER A 102 25.54 -15.54 -11.65
N SER A 103 25.25 -14.29 -11.99
CA SER A 103 25.48 -13.19 -11.07
C SER A 103 24.68 -13.36 -9.78
N ASN A 104 23.43 -13.79 -9.92
CA ASN A 104 22.57 -13.94 -8.76
C ASN A 104 22.90 -15.17 -7.92
N SER A 105 23.54 -16.17 -8.52
CA SER A 105 23.86 -17.38 -7.78
C SER A 105 24.74 -17.05 -6.57
N VAL A 106 25.69 -16.15 -6.76
CA VAL A 106 26.59 -15.74 -5.67
C VAL A 106 25.80 -15.11 -4.52
N ILE A 107 24.98 -14.13 -4.87
N ILE A 107 24.95 -14.13 -4.84
CA ILE A 107 24.13 -13.42 -3.93
CA ILE A 107 24.24 -13.45 -3.77
C ILE A 107 23.27 -14.38 -3.12
C ILE A 107 23.22 -14.37 -3.09
N PHE A 108 22.65 -15.34 -3.81
CA PHE A 108 21.71 -16.25 -3.16
C PHE A 108 22.40 -17.41 -2.45
N LYS A 109 23.60 -17.78 -2.88
CA LYS A 109 24.45 -18.64 -2.06
C LYS A 109 24.70 -17.94 -0.73
N ASN A 110 25.17 -16.69 -0.79
CA ASN A 110 25.44 -15.93 0.42
C ASN A 110 24.20 -15.75 1.28
N THR A 111 23.05 -15.59 0.64
CA THR A 111 21.81 -15.38 1.38
C THR A 111 21.41 -16.66 2.09
N GLY A 112 21.61 -17.80 1.42
CA GLY A 112 21.33 -19.08 2.03
C GLY A 112 22.18 -19.27 3.27
N GLU A 113 23.44 -18.84 3.20
CA GLU A 113 24.35 -18.96 4.33
C GLU A 113 23.94 -18.06 5.49
N TYR A 114 23.58 -16.82 5.19
CA TYR A 114 23.10 -15.91 6.23
C TYR A 114 21.85 -16.47 6.92
N LEU A 115 20.93 -16.99 6.12
CA LEU A 115 19.69 -17.57 6.65
C LEU A 115 19.96 -18.70 7.62
N SER A 116 20.78 -19.66 7.19
CA SER A 116 21.11 -20.80 8.03
C SER A 116 21.81 -20.39 9.33
N LYS A 117 22.71 -19.43 9.23
CA LYS A 117 23.52 -18.98 10.36
C LYS A 117 22.70 -18.23 11.41
N TRP A 118 21.79 -17.37 10.96
CA TRP A 118 21.18 -16.39 11.86
C TRP A 118 19.65 -16.42 11.99
N ALA A 119 18.94 -16.97 11.00
CA ALA A 119 17.49 -16.97 11.06
C ALA A 119 16.98 -18.08 11.96
N LYS A 120 15.73 -17.98 12.41
CA LYS A 120 15.11 -19.06 13.16
CA LYS A 120 15.12 -19.06 13.16
C LYS A 120 15.02 -20.29 12.27
N PRO A 121 15.09 -21.49 12.87
CA PRO A 121 14.96 -22.72 12.06
C PRO A 121 13.59 -22.86 11.37
N SER A 122 12.60 -22.10 11.84
CA SER A 122 11.25 -22.19 11.31
C SER A 122 10.98 -21.13 10.25
N VAL A 123 12.01 -20.40 9.87
CA VAL A 123 11.86 -19.26 8.96
C VAL A 123 11.18 -19.69 7.66
N LYS A 124 10.21 -18.87 7.23
CA LYS A 124 9.57 -19.09 5.94
C LYS A 124 10.10 -18.06 4.94
N VAL A 125 10.84 -18.57 3.95
CA VAL A 125 11.54 -17.73 2.99
C VAL A 125 10.81 -17.71 1.65
N LEU A 126 10.32 -16.54 1.25
CA LEU A 126 9.68 -16.34 -0.05
C LEU A 126 10.62 -15.62 -1.00
N VAL A 127 10.98 -16.28 -2.09
CA VAL A 127 11.92 -15.71 -3.05
C VAL A 127 11.17 -15.02 -4.17
N ILE A 128 11.48 -13.74 -4.34
CA ILE A 128 10.76 -12.89 -5.28
C ILE A 128 11.70 -12.40 -6.38
N GLY A 129 12.90 -11.98 -6.01
CA GLY A 129 13.86 -11.49 -6.98
C GLY A 129 14.20 -12.50 -8.08
N ASN A 130 14.25 -12.01 -9.31
CA ASN A 130 14.50 -12.82 -10.49
C ASN A 130 15.97 -13.24 -10.63
N PRO A 131 16.24 -14.46 -11.13
CA PRO A 131 15.31 -15.52 -11.53
C PRO A 131 14.87 -16.29 -10.30
N ASP A 132 13.59 -16.23 -9.93
CA ASP A 132 13.21 -16.64 -8.58
C ASP A 132 13.29 -18.14 -8.30
N ASN A 133 12.85 -19.00 -9.23
CA ASN A 133 12.92 -20.45 -9.01
C ASN A 133 14.35 -20.89 -8.71
N THR A 134 15.27 -20.46 -9.56
CA THR A 134 16.66 -20.86 -9.43
C THR A 134 17.34 -20.18 -8.24
N ASN A 135 17.05 -18.90 -8.01
CA ASN A 135 17.55 -18.23 -6.81
C ASN A 135 17.13 -18.99 -5.54
N CYS A 136 15.89 -19.46 -5.53
CA CYS A 136 15.35 -20.19 -4.38
C CYS A 136 16.10 -21.53 -4.19
N GLU A 137 16.28 -22.25 -5.29
CA GLU A 137 17.03 -23.51 -5.24
C GLU A 137 18.45 -23.30 -4.71
N ILE A 138 19.13 -22.27 -5.19
CA ILE A 138 20.50 -22.00 -4.76
C ILE A 138 20.59 -21.62 -3.28
N ALA A 139 19.68 -20.77 -2.82
CA ALA A 139 19.67 -20.38 -1.42
C ALA A 139 19.42 -21.60 -0.54
N MET A 140 18.43 -22.40 -0.90
CA MET A 140 18.11 -23.63 -0.18
C MET A 140 19.31 -24.58 -0.11
N LEU A 141 20.00 -24.77 -1.24
CA LEU A 141 21.14 -25.68 -1.29
C LEU A 141 22.28 -25.22 -0.39
N HIS A 142 22.32 -23.92 -0.09
CA HIS A 142 23.40 -23.35 0.70
C HIS A 142 22.94 -22.92 2.10
N ALA A 143 21.79 -23.45 2.51
CA ALA A 143 21.24 -23.23 3.84
C ALA A 143 21.34 -24.50 4.68
N LYS A 144 22.53 -24.74 5.22
CA LYS A 144 22.87 -26.01 5.88
C LYS A 144 21.87 -26.44 6.95
N ASN A 145 21.44 -25.50 7.79
CA ASN A 145 20.61 -25.81 8.93
C ASN A 145 19.11 -25.69 8.65
N LEU A 146 18.75 -25.40 7.40
CA LEU A 146 17.34 -25.32 7.03
C LEU A 146 16.95 -26.50 6.16
N LYS A 147 15.67 -26.54 5.77
CA LYS A 147 15.12 -27.66 5.01
C LYS A 147 14.28 -27.12 3.86
N PRO A 148 13.93 -28.00 2.90
CA PRO A 148 13.07 -27.59 1.78
C PRO A 148 11.78 -26.89 2.23
N GLU A 149 11.21 -27.31 3.36
CA GLU A 149 9.98 -26.70 3.86
C GLU A 149 10.14 -25.21 4.16
N ASN A 150 11.38 -24.74 4.32
CA ASN A 150 11.61 -23.33 4.63
C ASN A 150 11.55 -22.40 3.41
N PHE A 151 11.44 -22.99 2.22
CA PHE A 151 11.59 -22.22 0.98
C PHE A 151 10.42 -22.32 0.00
N SER A 152 10.05 -21.18 -0.58
CA SER A 152 9.17 -21.15 -1.74
C SER A 152 9.47 -19.94 -2.60
N SER A 153 8.90 -19.91 -3.80
CA SER A 153 9.06 -18.78 -4.72
C SER A 153 7.69 -18.31 -5.23
N LEU A 154 7.62 -17.06 -5.67
CA LEU A 154 6.37 -16.39 -5.96
C LEU A 154 5.92 -16.55 -7.41
N SER A 155 4.81 -17.24 -7.62
CA SER A 155 4.20 -17.33 -8.94
C SER A 155 2.78 -16.76 -8.95
N MET A 156 2.31 -16.27 -7.81
CA MET A 156 0.92 -15.80 -7.70
C MET A 156 0.61 -14.54 -8.51
N LEU A 157 1.62 -13.74 -8.84
CA LEU A 157 1.35 -12.56 -9.65
C LEU A 157 0.87 -13.01 -11.03
N ASP A 158 1.52 -14.03 -11.57
CA ASP A 158 1.15 -14.57 -12.86
C ASP A 158 -0.24 -15.22 -12.83
N GLN A 159 -0.56 -15.93 -11.75
CA GLN A 159 -1.90 -16.50 -11.61
C GLN A 159 -2.98 -15.42 -11.56
N ASN A 160 -2.75 -14.39 -10.77
CA ASN A 160 -3.71 -13.30 -10.67
C ASN A 160 -3.92 -12.61 -12.01
N ARG A 161 -2.82 -12.37 -12.74
CA ARG A 161 -2.89 -11.82 -14.09
C ARG A 161 -3.75 -12.71 -15.01
N ALA A 162 -3.56 -14.02 -14.90
CA ALA A 162 -4.30 -14.98 -15.70
C ALA A 162 -5.80 -14.97 -15.39
N TYR A 163 -6.14 -14.91 -14.11
CA TYR A 163 -7.54 -14.89 -13.72
C TYR A 163 -8.26 -13.66 -14.28
N TYR A 164 -7.65 -12.48 -14.13
N TYR A 164 -7.66 -12.49 -14.18
CA TYR A 164 -8.23 -11.27 -14.69
CA TYR A 164 -8.32 -11.29 -14.68
C TYR A 164 -8.46 -11.45 -16.17
C TYR A 164 -8.40 -11.28 -16.20
N GLU A 165 -7.40 -11.83 -16.87
CA GLU A 165 -7.42 -11.91 -18.32
C GLU A 165 -8.55 -12.82 -18.82
N VAL A 166 -8.65 -14.00 -18.24
CA VAL A 166 -9.69 -14.97 -18.64
C VAL A 166 -11.09 -14.50 -18.25
N ALA A 167 -11.23 -13.92 -17.06
CA ALA A 167 -12.52 -13.41 -16.62
C ALA A 167 -12.99 -12.29 -17.56
N SER A 168 -12.09 -11.38 -17.92
CA SER A 168 -12.43 -10.27 -18.79
C SER A 168 -12.84 -10.78 -20.17
N LYS A 169 -12.09 -11.76 -20.67
CA LYS A 169 -12.37 -12.36 -21.98
C LYS A 169 -13.75 -13.03 -21.98
N LEU A 170 -14.10 -13.68 -20.88
CA LEU A 170 -15.39 -14.37 -20.76
C LEU A 170 -16.53 -13.43 -20.38
N GLY A 171 -16.19 -12.23 -19.92
CA GLY A 171 -17.18 -11.27 -19.48
C GLY A 171 -17.88 -11.70 -18.20
N VAL A 172 -17.13 -12.33 -17.30
CA VAL A 172 -17.67 -12.71 -15.99
C VAL A 172 -16.77 -12.13 -14.90
N ASP A 173 -17.19 -12.30 -13.65
CA ASP A 173 -16.41 -11.83 -12.51
C ASP A 173 -15.27 -12.80 -12.23
N VAL A 174 -14.20 -12.31 -11.63
CA VAL A 174 -13.04 -13.15 -11.34
C VAL A 174 -13.47 -14.31 -10.44
N LYS A 175 -14.40 -14.05 -9.54
CA LYS A 175 -14.89 -15.07 -8.61
C LYS A 175 -15.57 -16.24 -9.32
N ASP A 176 -16.01 -16.02 -10.56
CA ASP A 176 -16.75 -17.04 -11.31
C ASP A 176 -15.85 -17.90 -12.20
N VAL A 177 -14.54 -17.70 -12.10
CA VAL A 177 -13.56 -18.50 -12.82
C VAL A 177 -12.79 -19.36 -11.81
N HIS A 178 -12.49 -20.60 -12.19
CA HIS A 178 -11.90 -21.55 -11.25
C HIS A 178 -10.80 -22.39 -11.86
N ASP A 179 -9.80 -22.70 -11.04
CA ASP A 179 -8.75 -23.67 -11.35
C ASP A 179 -7.86 -23.28 -12.54
N ILE A 180 -7.46 -22.02 -12.60
CA ILE A 180 -6.34 -21.61 -13.45
C ILE A 180 -5.05 -21.85 -12.65
N ILE A 181 -4.04 -22.40 -13.31
CA ILE A 181 -2.79 -22.78 -12.65
C ILE A 181 -1.59 -22.29 -13.45
N VAL A 182 -0.58 -21.81 -12.75
N VAL A 182 -0.57 -21.78 -12.77
CA VAL A 182 0.71 -21.48 -13.34
CA VAL A 182 0.69 -21.50 -13.44
C VAL A 182 1.71 -22.53 -12.90
C VAL A 182 1.77 -22.46 -12.94
N TRP A 183 2.26 -23.30 -13.85
CA TRP A 183 3.21 -24.36 -13.52
C TRP A 183 4.65 -24.03 -13.92
N GLY A 184 5.61 -24.59 -13.20
CA GLY A 184 6.99 -24.65 -13.64
C GLY A 184 7.84 -23.44 -13.30
N ASN A 185 8.64 -23.01 -14.28
CA ASN A 185 9.56 -21.90 -14.12
C ASN A 185 8.89 -20.58 -14.44
N HIS A 186 9.49 -19.48 -14.04
CA HIS A 186 9.17 -18.19 -14.66
C HIS A 186 9.87 -18.09 -16.00
N GLY A 187 9.67 -16.98 -16.68
CA GLY A 187 10.33 -16.75 -17.94
C GLY A 187 9.58 -17.47 -19.05
N GLU A 188 10.29 -17.70 -20.15
CA GLU A 188 9.67 -18.20 -21.37
C GLU A 188 8.88 -19.48 -21.19
N SER A 189 9.37 -20.37 -20.32
CA SER A 189 8.83 -21.73 -20.26
C SER A 189 7.66 -21.89 -19.29
N MET A 190 7.29 -20.82 -18.61
N MET A 190 7.27 -20.81 -18.62
CA MET A 190 6.16 -20.83 -17.69
CA MET A 190 6.18 -20.87 -17.66
C MET A 190 4.93 -21.41 -18.37
C MET A 190 4.91 -21.37 -18.34
N VAL A 191 4.19 -22.25 -17.65
CA VAL A 191 2.98 -22.85 -18.20
C VAL A 191 1.75 -22.20 -17.61
N ALA A 192 1.07 -21.37 -18.40
CA ALA A 192 -0.19 -20.79 -17.98
C ALA A 192 -1.30 -21.69 -18.48
N ASP A 193 -1.76 -22.56 -17.58
CA ASP A 193 -2.58 -23.71 -17.91
C ASP A 193 -4.05 -23.41 -17.72
N LEU A 194 -4.82 -23.47 -18.81
CA LEU A 194 -6.26 -23.28 -18.76
C LEU A 194 -7.04 -24.59 -18.96
N THR A 195 -6.33 -25.72 -19.03
CA THR A 195 -6.99 -26.97 -19.39
C THR A 195 -7.84 -27.56 -18.27
N GLN A 196 -7.66 -27.08 -17.04
CA GLN A 196 -8.48 -27.51 -15.91
C GLN A 196 -9.61 -26.53 -15.65
N ALA A 197 -9.48 -25.34 -16.21
CA ALA A 197 -10.24 -24.20 -15.72
C ALA A 197 -11.70 -24.24 -16.13
N THR A 198 -12.58 -23.84 -15.21
CA THR A 198 -14.01 -23.73 -15.49
C THR A 198 -14.50 -22.33 -15.17
N PHE A 199 -15.68 -21.99 -15.68
CA PHE A 199 -16.32 -20.74 -15.31
C PHE A 199 -17.82 -20.96 -15.23
N THR A 200 -18.48 -20.08 -14.48
N THR A 200 -18.48 -20.07 -14.49
CA THR A 200 -19.92 -20.17 -14.27
CA THR A 200 -19.93 -20.17 -14.29
C THR A 200 -20.64 -18.95 -14.87
C THR A 200 -20.64 -18.96 -14.88
N LYS A 201 -21.78 -19.21 -15.50
CA LYS A 201 -22.59 -18.16 -16.09
C LYS A 201 -23.97 -18.72 -16.38
N GLU A 202 -25.01 -17.96 -16.05
CA GLU A 202 -26.39 -18.35 -16.27
C GLU A 202 -26.68 -19.78 -15.80
N GLY A 203 -26.13 -20.13 -14.64
CA GLY A 203 -26.42 -21.41 -14.02
C GLY A 203 -25.69 -22.60 -14.63
N LYS A 204 -24.80 -22.34 -15.58
CA LYS A 204 -24.00 -23.40 -16.20
C LYS A 204 -22.52 -23.26 -15.85
N THR A 205 -21.89 -24.40 -15.60
CA THR A 205 -20.43 -24.44 -15.43
C THR A 205 -19.84 -25.15 -16.64
N GLN A 206 -18.90 -24.50 -17.30
CA GLN A 206 -18.27 -25.06 -18.48
C GLN A 206 -16.78 -24.90 -18.41
N LYS A 207 -16.08 -25.75 -19.15
CA LYS A 207 -14.63 -25.65 -19.29
C LYS A 207 -14.29 -24.48 -20.21
N VAL A 208 -13.30 -23.70 -19.78
CA VAL A 208 -12.82 -22.57 -20.54
C VAL A 208 -12.37 -22.98 -21.94
N VAL A 209 -11.68 -24.12 -22.04
CA VAL A 209 -11.18 -24.56 -23.34
C VAL A 209 -12.31 -25.02 -24.27
N ASP A 210 -13.49 -25.27 -23.71
CA ASP A 210 -14.64 -25.68 -24.52
C ASP A 210 -15.40 -24.50 -25.10
N VAL A 211 -15.16 -23.30 -24.57
CA VAL A 211 -15.94 -22.12 -24.96
C VAL A 211 -15.10 -21.11 -25.73
N LEU A 212 -13.86 -20.92 -25.32
CA LEU A 212 -12.97 -19.97 -25.99
C LEU A 212 -12.25 -20.59 -27.20
N ASP A 213 -11.96 -19.74 -28.16
CA ASP A 213 -11.30 -20.13 -29.41
C ASP A 213 -9.91 -20.74 -29.18
N HIS A 214 -9.58 -21.74 -29.98
CA HIS A 214 -8.28 -22.43 -29.87
C HIS A 214 -7.12 -21.45 -30.03
N ASP A 215 -7.21 -20.56 -31.02
CA ASP A 215 -6.16 -19.57 -31.23
C ASP A 215 -5.98 -18.69 -30.00
N TYR A 216 -7.08 -18.34 -29.34
CA TYR A 216 -6.97 -17.55 -28.12
C TYR A 216 -6.26 -18.33 -27.02
N VAL A 217 -6.83 -19.48 -26.68
CA VAL A 217 -6.31 -20.28 -25.56
C VAL A 217 -4.85 -20.64 -25.73
N PHE A 218 -4.47 -21.08 -26.93
CA PHE A 218 -3.14 -21.65 -27.16
C PHE A 218 -2.21 -20.75 -27.97
N ASP A 219 -2.46 -19.43 -27.94
CA ASP A 219 -1.54 -18.49 -28.55
C ASP A 219 -1.70 -17.07 -27.99
N THR A 220 -2.83 -16.44 -28.30
CA THR A 220 -3.08 -15.06 -27.90
C THR A 220 -2.98 -14.87 -26.38
N PHE A 221 -3.54 -15.81 -25.63
CA PHE A 221 -3.60 -15.70 -24.17
C PHE A 221 -2.20 -15.68 -23.55
N PHE A 222 -1.33 -16.61 -23.96
CA PHE A 222 0.00 -16.67 -23.37
C PHE A 222 0.84 -15.44 -23.75
N LYS A 223 0.60 -14.92 -24.95
CA LYS A 223 1.32 -13.72 -25.39
C LYS A 223 0.89 -12.52 -24.55
N LYS A 224 -0.40 -12.43 -24.24
CA LYS A 224 -0.92 -11.35 -23.42
C LYS A 224 -0.30 -11.36 -22.02
N ILE A 225 -0.28 -12.53 -21.39
CA ILE A 225 0.32 -12.67 -20.07
C ILE A 225 1.82 -12.34 -20.13
N GLY A 226 2.45 -12.73 -21.23
CA GLY A 226 3.89 -12.60 -21.37
C GLY A 226 4.39 -11.17 -21.53
N HIS A 227 3.59 -10.32 -22.17
CA HIS A 227 4.01 -8.95 -22.45
C HIS A 227 3.32 -7.94 -21.54
N ARG A 228 2.75 -8.45 -20.45
CA ARG A 228 2.02 -7.61 -19.50
C ARG A 228 2.96 -6.72 -18.68
N ALA A 229 4.04 -7.32 -18.17
CA ALA A 229 4.99 -6.58 -17.35
C ALA A 229 5.61 -5.46 -18.17
N TRP A 230 5.98 -5.81 -19.40
CA TRP A 230 6.54 -4.87 -20.35
C TRP A 230 5.57 -3.73 -20.62
N ASP A 231 4.31 -4.08 -20.84
CA ASP A 231 3.31 -3.09 -21.20
C ASP A 231 3.08 -2.10 -20.04
N ILE A 232 3.14 -2.61 -18.82
CA ILE A 232 3.04 -1.75 -17.63
C ILE A 232 4.26 -0.82 -17.56
N LEU A 233 5.45 -1.37 -17.78
CA LEU A 233 6.67 -0.57 -17.78
C LEU A 233 6.59 0.57 -18.79
N GLU A 234 6.13 0.27 -20.00
CA GLU A 234 5.97 1.26 -21.06
C GLU A 234 5.07 2.42 -20.64
N HIS A 235 4.01 2.12 -19.90
CA HIS A 235 3.05 3.14 -19.47
C HIS A 235 3.48 3.86 -18.19
N ARG A 236 4.00 3.10 -17.23
CA ARG A 236 4.30 3.60 -15.89
C ARG A 236 5.64 4.32 -15.81
N GLY A 237 6.59 3.92 -16.67
CA GLY A 237 7.94 4.45 -16.61
C GLY A 237 8.79 3.67 -15.61
N PHE A 238 8.13 2.82 -14.83
CA PHE A 238 8.79 1.95 -13.88
C PHE A 238 8.10 0.58 -13.94
N THR A 239 8.78 -0.42 -13.38
CA THR A 239 8.22 -1.78 -13.32
C THR A 239 7.10 -1.85 -12.29
N SER A 240 6.31 -2.92 -12.37
CA SER A 240 5.20 -3.12 -11.44
CA SER A 240 5.21 -3.13 -11.44
C SER A 240 5.72 -3.12 -10.00
N ALA A 241 4.86 -2.73 -9.07
CA ALA A 241 5.24 -2.68 -7.66
C ALA A 241 4.08 -3.09 -6.76
N ALA A 242 2.94 -2.44 -6.91
CA ALA A 242 1.78 -2.75 -6.09
C ALA A 242 1.26 -4.18 -6.31
N SER A 243 1.23 -4.62 -7.56
CA SER A 243 0.66 -5.92 -7.89
C SER A 243 1.55 -7.09 -7.42
N PRO A 244 2.89 -7.00 -7.60
CA PRO A 244 3.69 -8.08 -7.00
C PRO A 244 3.68 -8.06 -5.46
N THR A 245 3.58 -6.88 -4.87
CA THR A 245 3.45 -6.79 -3.42
C THR A 245 2.18 -7.50 -2.97
N LYS A 246 1.08 -7.26 -3.68
CA LYS A 246 -0.20 -7.90 -3.34
C LYS A 246 -0.09 -9.42 -3.37
N ALA A 247 0.55 -9.94 -4.40
CA ALA A 247 0.73 -11.39 -4.55
C ALA A 247 1.64 -11.97 -3.48
N ALA A 248 2.67 -11.20 -3.10
CA ALA A 248 3.64 -11.66 -2.13
C ALA A 248 2.98 -11.79 -0.75
N ILE A 249 2.19 -10.80 -0.36
CA ILE A 249 1.46 -10.86 0.91
C ILE A 249 0.44 -12.00 0.90
N GLN A 250 -0.23 -12.17 -0.23
CA GLN A 250 -1.22 -13.25 -0.41
C GLN A 250 -0.57 -14.61 -0.18
N HIS A 251 0.59 -14.80 -0.81
CA HIS A 251 1.34 -16.05 -0.73
C HIS A 251 1.77 -16.30 0.71
N MET A 252 2.42 -15.32 1.32
CA MET A 252 2.94 -15.50 2.68
C MET A 252 1.83 -15.70 3.70
N LYS A 253 0.72 -14.98 3.55
CA LYS A 253 -0.38 -15.11 4.48
C LYS A 253 -0.99 -16.52 4.41
N ALA A 254 -1.09 -17.05 3.20
CA ALA A 254 -1.58 -18.41 3.02
C ALA A 254 -0.62 -19.39 3.66
N TRP A 255 0.68 -19.20 3.43
CA TRP A 255 1.73 -20.04 4.00
C TRP A 255 1.69 -20.02 5.54
N LEU A 256 1.28 -18.89 6.11
CA LEU A 256 1.31 -18.73 7.56
C LEU A 256 0.11 -19.40 8.26
N PHE A 257 -1.07 -19.29 7.65
CA PHE A 257 -2.31 -19.64 8.34
C PHE A 257 -3.16 -20.70 7.65
N GLY A 258 -2.83 -20.99 6.39
CA GLY A 258 -3.58 -21.97 5.62
C GLY A 258 -4.48 -21.31 4.59
N THR A 259 -4.81 -22.06 3.54
CA THR A 259 -5.69 -21.55 2.50
C THR A 259 -7.14 -21.84 2.85
N ALA A 260 -8.06 -21.17 2.17
CA ALA A 260 -9.49 -21.35 2.41
C ALA A 260 -9.98 -22.57 1.65
N PRO A 261 -11.16 -23.10 2.03
CA PRO A 261 -11.71 -24.25 1.32
C PRO A 261 -11.86 -24.00 -0.17
N GLY A 262 -11.38 -24.93 -0.99
CA GLY A 262 -11.50 -24.84 -2.43
C GLY A 262 -10.45 -23.98 -3.08
N GLU A 263 -9.65 -23.28 -2.28
CA GLU A 263 -8.67 -22.34 -2.81
C GLU A 263 -7.44 -23.06 -3.35
N VAL A 264 -7.02 -22.71 -4.57
CA VAL A 264 -5.83 -23.24 -5.21
C VAL A 264 -4.89 -22.12 -5.60
N LEU A 265 -3.74 -22.04 -4.94
CA LEU A 265 -2.73 -21.03 -5.21
C LEU A 265 -1.50 -21.66 -5.86
N SER A 266 -1.09 -21.11 -7.01
CA SER A 266 0.16 -21.50 -7.62
C SER A 266 1.29 -21.02 -6.71
N MET A 267 2.22 -21.93 -6.42
CA MET A 267 3.39 -21.63 -5.59
C MET A 267 4.59 -22.41 -6.10
N GLY A 268 5.74 -21.75 -6.17
CA GLY A 268 6.99 -22.44 -6.47
C GLY A 268 7.52 -23.09 -5.21
N ILE A 269 7.68 -24.41 -5.25
CA ILE A 269 8.20 -25.15 -4.12
C ILE A 269 9.24 -26.18 -4.56
N PRO A 270 10.18 -26.53 -3.67
CA PRO A 270 11.06 -27.66 -3.97
C PRO A 270 10.18 -28.86 -4.33
N VAL A 271 10.48 -29.51 -5.44
CA VAL A 271 9.60 -30.56 -5.94
C VAL A 271 9.45 -31.70 -4.93
N PRO A 272 8.20 -32.06 -4.57
CA PRO A 272 8.06 -33.16 -3.62
C PRO A 272 8.27 -34.52 -4.29
N GLU A 273 9.00 -35.40 -3.63
CA GLU A 273 9.13 -36.76 -4.13
C GLU A 273 7.74 -37.38 -4.17
N GLY A 274 7.43 -38.06 -5.26
CA GLY A 274 6.14 -38.70 -5.39
C GLY A 274 4.96 -37.75 -5.58
N ASN A 275 5.23 -36.56 -6.11
CA ASN A 275 4.15 -35.67 -6.50
C ASN A 275 3.37 -36.35 -7.62
N PRO A 276 2.08 -36.02 -7.77
CA PRO A 276 1.26 -36.78 -8.72
C PRO A 276 1.38 -36.33 -10.18
N TYR A 277 2.28 -35.40 -10.49
CA TYR A 277 2.33 -34.83 -11.84
C TYR A 277 3.61 -35.14 -12.60
N GLY A 278 4.37 -36.11 -12.10
CA GLY A 278 5.52 -36.65 -12.81
C GLY A 278 6.66 -35.68 -13.00
N ILE A 279 6.87 -34.80 -12.03
CA ILE A 279 7.98 -33.86 -12.05
C ILE A 279 9.10 -34.42 -11.20
N LYS A 280 10.34 -34.25 -11.65
CA LYS A 280 11.51 -34.81 -10.99
C LYS A 280 11.94 -33.96 -9.79
N PRO A 281 12.28 -34.60 -8.66
CA PRO A 281 12.86 -33.82 -7.54
C PRO A 281 14.16 -33.12 -7.93
N GLY A 282 14.46 -31.99 -7.30
CA GLY A 282 15.78 -31.37 -7.40
C GLY A 282 15.75 -29.92 -7.85
N VAL A 283 14.57 -29.41 -8.19
CA VAL A 283 14.41 -28.00 -8.51
C VAL A 283 13.23 -27.42 -7.74
N VAL A 284 13.05 -26.11 -7.90
CA VAL A 284 11.90 -25.39 -7.38
C VAL A 284 10.94 -25.12 -8.55
N PHE A 285 9.70 -25.56 -8.40
CA PHE A 285 8.75 -25.73 -9.51
C PHE A 285 7.39 -25.24 -9.05
N SER A 286 6.72 -24.41 -9.85
CA SER A 286 5.39 -23.92 -9.49
C SER A 286 4.34 -25.01 -9.68
N PHE A 287 3.60 -25.28 -8.61
CA PHE A 287 2.52 -26.28 -8.59
C PHE A 287 1.22 -25.63 -8.14
N PRO A 288 0.07 -26.24 -8.48
CA PRO A 288 -1.14 -25.87 -7.75
C PRO A 288 -1.04 -26.35 -6.30
N CYS A 289 -1.17 -25.44 -5.33
CA CYS A 289 -1.03 -25.80 -3.93
C CYS A 289 -2.19 -25.33 -3.07
N ASN A 290 -2.34 -26.01 -1.93
CA ASN A 290 -3.06 -25.46 -0.79
C ASN A 290 -2.14 -25.51 0.42
N VAL A 291 -2.59 -24.93 1.53
CA VAL A 291 -1.79 -24.91 2.75
C VAL A 291 -2.68 -25.30 3.92
N ASP A 292 -2.22 -26.26 4.72
CA ASP A 292 -3.03 -26.72 5.85
C ASP A 292 -2.91 -25.77 7.03
N LYS A 293 -3.64 -26.06 8.10
CA LYS A 293 -3.75 -25.14 9.23
C LYS A 293 -2.45 -25.01 10.03
N GLU A 294 -1.53 -25.95 9.83
CA GLU A 294 -0.21 -25.90 10.47
C GLU A 294 0.81 -25.18 9.59
N GLY A 295 0.34 -24.63 8.46
CA GLY A 295 1.19 -23.86 7.58
C GLY A 295 2.06 -24.68 6.65
N LYS A 296 1.67 -25.93 6.42
CA LYS A 296 2.40 -26.81 5.52
C LYS A 296 1.78 -26.80 4.12
N ILE A 297 2.61 -26.60 3.11
CA ILE A 297 2.17 -26.52 1.72
C ILE A 297 2.02 -27.92 1.13
N HIS A 298 0.91 -28.16 0.43
CA HIS A 298 0.70 -29.43 -0.27
C HIS A 298 0.31 -29.19 -1.72
N VAL A 299 0.81 -30.04 -2.61
CA VAL A 299 0.37 -30.04 -3.99
C VAL A 299 -1.07 -30.59 -4.06
N VAL A 300 -1.93 -29.91 -4.79
CA VAL A 300 -3.32 -30.34 -4.94
C VAL A 300 -3.41 -31.49 -5.93
N GLU A 301 -4.12 -32.55 -5.53
CA GLU A 301 -4.26 -33.74 -6.35
C GLU A 301 -5.55 -33.67 -7.15
N GLY A 302 -5.60 -34.43 -8.25
CA GLY A 302 -6.84 -34.58 -8.99
C GLY A 302 -6.90 -33.81 -10.29
N PHE A 303 -5.89 -33.00 -10.59
CA PHE A 303 -5.85 -32.30 -11.87
C PHE A 303 -5.40 -33.25 -12.97
N LYS A 304 -5.76 -32.94 -14.20
CA LYS A 304 -5.51 -33.84 -15.31
C LYS A 304 -4.39 -33.31 -16.18
N VAL A 305 -3.60 -34.23 -16.73
CA VAL A 305 -2.47 -33.89 -17.58
C VAL A 305 -2.70 -34.46 -18.97
N ASN A 306 -3.24 -33.65 -19.88
CA ASN A 306 -3.39 -34.08 -21.26
C ASN A 306 -2.05 -33.97 -21.99
N ASP A 307 -2.02 -34.35 -23.26
CA ASP A 307 -0.76 -34.41 -24.00
C ASP A 307 -0.12 -33.03 -24.10
N TRP A 308 -0.93 -32.01 -24.31
CA TRP A 308 -0.42 -30.64 -24.36
C TRP A 308 0.28 -30.25 -23.05
N LEU A 309 -0.37 -30.51 -21.92
CA LEU A 309 0.20 -30.11 -20.64
C LEU A 309 1.44 -30.93 -20.29
N ARG A 310 1.41 -32.21 -20.64
CA ARG A 310 2.54 -33.09 -20.40
C ARG A 310 3.80 -32.50 -21.04
N GLU A 311 3.68 -32.14 -22.31
CA GLU A 311 4.78 -31.58 -23.07
C GLU A 311 5.29 -30.26 -22.47
N LYS A 312 4.37 -29.39 -22.07
CA LYS A 312 4.75 -28.11 -21.49
C LYS A 312 5.46 -28.32 -20.15
N LEU A 313 4.93 -29.22 -19.33
CA LEU A 313 5.54 -29.52 -18.03
C LEU A 313 6.95 -30.07 -18.19
N ASP A 314 7.14 -30.95 -19.18
CA ASP A 314 8.45 -31.57 -19.38
C ASP A 314 9.44 -30.50 -19.84
N PHE A 315 8.99 -29.59 -20.69
CA PHE A 315 9.86 -28.54 -21.22
C PHE A 315 10.33 -27.57 -20.13
N THR A 316 9.42 -27.14 -19.26
CA THR A 316 9.79 -26.22 -18.19
C THR A 316 10.63 -26.93 -17.11
N GLU A 317 10.36 -28.20 -16.88
CA GLU A 317 11.20 -29.02 -16.01
C GLU A 317 12.65 -29.06 -16.53
N LYS A 318 12.82 -29.37 -17.80
CA LYS A 318 14.14 -29.41 -18.44
C LYS A 318 14.83 -28.05 -18.33
N ASP A 319 14.04 -26.99 -18.50
CA ASP A 319 14.54 -25.61 -18.39
C ASP A 319 15.10 -25.33 -16.99
N LEU A 320 14.36 -25.74 -15.97
CA LEU A 320 14.78 -25.53 -14.58
C LEU A 320 16.10 -26.27 -14.26
N PHE A 321 16.21 -27.53 -14.65
CA PHE A 321 17.43 -28.28 -14.36
C PHE A 321 18.61 -27.65 -15.10
N HIS A 322 18.34 -27.07 -16.26
CA HIS A 322 19.37 -26.38 -17.02
C HIS A 322 19.87 -25.13 -16.29
N GLU A 323 18.94 -24.32 -15.81
CA GLU A 323 19.30 -23.12 -15.04
C GLU A 323 20.10 -23.49 -13.80
N LYS A 324 19.68 -24.55 -13.11
CA LYS A 324 20.38 -25.03 -11.92
C LYS A 324 21.82 -25.38 -12.26
N GLU A 325 22.00 -26.10 -13.36
CA GLU A 325 23.33 -26.50 -13.83
C GLU A 325 24.22 -25.28 -14.08
N ILE A 326 23.66 -24.25 -14.69
CA ILE A 326 24.41 -23.03 -14.97
C ILE A 326 24.86 -22.38 -13.67
N ALA A 327 23.93 -22.25 -12.73
CA ALA A 327 24.22 -21.64 -11.44
C ALA A 327 25.30 -22.41 -10.67
N LEU A 328 25.15 -23.73 -10.59
CA LEU A 328 26.10 -24.54 -9.83
C LEU A 328 27.48 -24.58 -10.48
N ASN A 329 27.53 -24.62 -11.81
CA ASN A 329 28.79 -24.59 -12.52
CA ASN A 329 28.79 -24.59 -12.52
C ASN A 329 29.52 -23.27 -12.29
N HIS A 330 28.77 -22.17 -12.25
CA HIS A 330 29.38 -20.86 -12.02
C HIS A 330 29.97 -20.80 -10.62
N LEU A 331 29.23 -21.29 -9.64
CA LEU A 331 29.70 -21.29 -8.26
C LEU A 331 30.90 -22.23 -8.11
N ALA A 332 30.89 -23.32 -8.86
CA ALA A 332 32.01 -24.26 -8.83
C ALA A 332 33.26 -23.62 -9.39
N GLN A 333 33.12 -22.88 -10.48
CA GLN A 333 34.22 -22.15 -11.10
C GLN A 333 34.87 -21.25 -10.05
N LEU A 334 34.05 -20.56 -9.27
CA LEU A 334 34.55 -19.61 -8.29
C LEU A 334 35.37 -20.30 -7.21
N GLU A 335 34.94 -21.49 -6.79
CA GLU A 335 35.66 -22.25 -5.78
C GLU A 335 37.08 -22.58 -6.23
N HIS A 336 37.23 -22.89 -7.52
CA HIS A 336 38.53 -23.28 -8.08
C HIS A 336 38.97 -22.29 -9.15
N SER B 2 -25.56 -6.47 -1.52
CA SER B 2 -25.47 -5.01 -1.53
C SER B 2 -24.79 -4.53 -2.80
N GLU B 3 -25.12 -3.30 -3.20
CA GLU B 3 -24.45 -2.67 -4.33
C GLU B 3 -23.08 -2.17 -3.87
N ALA B 4 -22.12 -2.18 -4.79
CA ALA B 4 -20.78 -1.72 -4.48
C ALA B 4 -20.78 -0.25 -4.12
N ALA B 5 -19.89 0.14 -3.21
CA ALA B 5 -19.69 1.55 -2.89
C ALA B 5 -18.84 2.19 -3.99
N HIS B 6 -19.27 3.36 -4.45
CA HIS B 6 -18.53 4.10 -5.47
C HIS B 6 -17.61 5.13 -4.83
N VAL B 7 -16.31 4.98 -5.11
CA VAL B 7 -15.26 5.75 -4.46
C VAL B 7 -14.45 6.52 -5.49
N LEU B 8 -14.41 7.84 -5.35
CA LEU B 8 -13.62 8.71 -6.23
C LEU B 8 -12.24 9.01 -5.63
N ILE B 9 -11.20 8.91 -6.47
CA ILE B 9 -9.88 9.41 -6.16
C ILE B 9 -9.44 10.37 -7.28
N THR B 10 -9.20 11.64 -6.94
CA THR B 10 -8.67 12.60 -7.91
C THR B 10 -7.15 12.55 -7.87
N GLY B 11 -6.51 13.06 -8.92
CA GLY B 11 -5.07 12.92 -9.07
C GLY B 11 -4.66 11.46 -8.97
N ALA B 12 -5.52 10.58 -9.48
CA ALA B 12 -5.40 9.14 -9.24
C ALA B 12 -4.09 8.52 -9.73
N ALA B 13 -3.42 9.16 -10.69
CA ALA B 13 -2.21 8.59 -11.28
C ALA B 13 -0.92 8.96 -10.53
N GLY B 14 -1.04 9.77 -9.48
CA GLY B 14 0.13 10.17 -8.71
C GLY B 14 0.51 9.12 -7.68
N GLN B 15 1.50 9.43 -6.84
CA GLN B 15 2.00 8.51 -5.82
C GLN B 15 0.91 8.06 -4.86
N ILE B 16 0.17 9.03 -4.33
CA ILE B 16 -0.85 8.74 -3.34
C ILE B 16 -1.98 7.92 -3.95
N GLY B 17 -2.42 8.30 -5.15
CA GLY B 17 -3.50 7.60 -5.83
C GLY B 17 -3.16 6.14 -6.08
N TYR B 18 -1.91 5.89 -6.43
CA TYR B 18 -1.44 4.55 -6.77
C TYR B 18 -1.61 3.63 -5.56
N ILE B 19 -1.14 4.08 -4.41
CA ILE B 19 -1.24 3.30 -3.18
C ILE B 19 -2.67 3.24 -2.67
N LEU B 20 -3.32 4.40 -2.64
CA LEU B 20 -4.69 4.51 -2.12
C LEU B 20 -5.67 3.58 -2.86
N SER B 21 -5.60 3.55 -4.19
CA SER B 21 -6.48 2.71 -4.98
CA SER B 21 -6.46 2.70 -5.01
C SER B 21 -6.30 1.21 -4.65
N HIS B 22 -5.06 0.77 -4.58
CA HIS B 22 -4.79 -0.63 -4.24
C HIS B 22 -5.27 -0.99 -2.84
N TRP B 23 -4.99 -0.14 -1.86
N TRP B 23 -4.99 -0.11 -1.89
CA TRP B 23 -5.35 -0.47 -0.50
CA TRP B 23 -5.34 -0.35 -0.49
C TRP B 23 -6.88 -0.48 -0.31
C TRP B 23 -6.85 -0.49 -0.36
N ILE B 24 -7.58 0.40 -1.01
CA ILE B 24 -9.05 0.36 -0.99
C ILE B 24 -9.57 -0.89 -1.72
N ALA B 25 -9.00 -1.19 -2.88
CA ALA B 25 -9.45 -2.36 -3.65
C ALA B 25 -9.18 -3.66 -2.88
N SER B 26 -8.20 -3.65 -2.00
CA SER B 26 -7.87 -4.82 -1.17
C SER B 26 -8.93 -5.12 -0.10
N GLY B 27 -9.85 -4.18 0.13
CA GLY B 27 -10.94 -4.39 1.06
C GLY B 27 -10.81 -3.65 2.40
N GLU B 28 -9.77 -2.83 2.54
CA GLU B 28 -9.47 -2.22 3.83
C GLU B 28 -10.45 -1.11 4.24
N LEU B 29 -11.12 -0.49 3.28
CA LEU B 29 -12.01 0.62 3.60
C LEU B 29 -13.43 0.16 3.93
N TYR B 30 -14.01 -0.64 3.05
CA TYR B 30 -15.42 -0.98 3.12
C TYR B 30 -15.68 -2.40 3.60
N GLY B 31 -14.65 -3.08 4.08
CA GLY B 31 -14.81 -4.44 4.61
C GLY B 31 -15.27 -5.45 3.57
N ASP B 32 -16.36 -6.16 3.86
CA ASP B 32 -16.88 -7.19 2.97
C ASP B 32 -17.58 -6.62 1.74
N ARG B 33 -17.89 -5.34 1.77
CA ARG B 33 -18.62 -4.72 0.67
C ARG B 33 -17.68 -4.48 -0.50
N GLN B 34 -18.20 -4.63 -1.72
CA GLN B 34 -17.39 -4.35 -2.91
C GLN B 34 -17.25 -2.85 -3.15
N VAL B 35 -16.21 -2.48 -3.88
CA VAL B 35 -15.99 -1.08 -4.24
C VAL B 35 -15.86 -0.92 -5.75
N TYR B 36 -16.35 0.21 -6.25
CA TYR B 36 -16.17 0.60 -7.64
C TYR B 36 -15.39 1.91 -7.64
N LEU B 37 -14.19 1.89 -8.23
CA LEU B 37 -13.31 3.05 -8.20
C LEU B 37 -13.50 3.99 -9.38
N HIS B 38 -13.73 5.26 -9.08
CA HIS B 38 -13.69 6.33 -10.08
C HIS B 38 -12.33 6.99 -9.97
N LEU B 39 -11.55 6.92 -11.04
CA LEU B 39 -10.17 7.35 -11.03
C LEU B 39 -9.97 8.53 -11.98
N LEU B 40 -9.82 9.73 -11.42
CA LEU B 40 -9.75 10.97 -12.19
C LEU B 40 -8.34 11.55 -12.23
N ASP B 41 -7.86 11.88 -13.44
CA ASP B 41 -6.64 12.66 -13.56
C ASP B 41 -6.70 13.52 -14.82
N ILE B 42 -5.58 14.14 -15.19
CA ILE B 42 -5.54 15.01 -16.38
C ILE B 42 -4.88 14.30 -17.56
N PRO B 43 -5.15 14.77 -18.80
CA PRO B 43 -4.67 14.07 -20.00
C PRO B 43 -3.17 13.75 -20.04
N PRO B 44 -2.28 14.64 -19.57
CA PRO B 44 -0.86 14.30 -19.57
C PRO B 44 -0.55 13.04 -18.74
N ALA B 45 -1.41 12.73 -17.78
CA ALA B 45 -1.15 11.66 -16.83
C ALA B 45 -1.83 10.35 -17.21
N MET B 46 -2.55 10.34 -18.34
CA MET B 46 -3.41 9.21 -18.66
C MET B 46 -2.65 7.91 -18.92
N ASN B 47 -1.42 7.98 -19.42
CA ASN B 47 -0.63 6.76 -19.59
C ASN B 47 -0.29 6.14 -18.24
N ARG B 48 0.08 6.98 -17.29
N ARG B 48 0.08 6.97 -17.28
CA ARG B 48 0.35 6.53 -15.93
CA ARG B 48 0.35 6.45 -15.94
C ARG B 48 -0.92 5.96 -15.30
C ARG B 48 -0.92 5.96 -15.28
N LEU B 49 -2.05 6.58 -15.62
CA LEU B 49 -3.34 6.14 -15.09
C LEU B 49 -3.70 4.76 -15.64
N THR B 50 -3.44 4.55 -16.93
CA THR B 50 -3.65 3.25 -17.54
C THR B 50 -2.78 2.18 -16.86
N ALA B 51 -1.53 2.53 -16.58
CA ALA B 51 -0.61 1.60 -15.91
C ALA B 51 -1.16 1.20 -14.54
N LEU B 52 -1.78 2.16 -13.86
N LEU B 52 -1.80 2.16 -13.87
CA LEU B 52 -2.39 1.90 -12.55
CA LEU B 52 -2.40 1.92 -12.57
C LEU B 52 -3.52 0.88 -12.68
C LEU B 52 -3.53 0.90 -12.67
N THR B 53 -4.42 1.09 -13.64
CA THR B 53 -5.55 0.19 -13.82
C THR B 53 -5.07 -1.22 -14.18
N MET B 54 -3.97 -1.32 -14.90
CA MET B 54 -3.43 -2.62 -15.29
C MET B 54 -2.98 -3.38 -14.07
N GLU B 55 -2.31 -2.69 -13.15
CA GLU B 55 -1.88 -3.34 -11.92
C GLU B 55 -3.06 -3.68 -11.02
N LEU B 56 -4.06 -2.80 -10.96
CA LEU B 56 -5.28 -3.12 -10.21
C LEU B 56 -5.85 -4.43 -10.73
N GLU B 57 -5.97 -4.50 -12.05
CA GLU B 57 -6.50 -5.68 -12.70
C GLU B 57 -5.67 -6.90 -12.32
N ASP B 58 -4.35 -6.75 -12.33
CA ASP B 58 -3.45 -7.89 -12.11
C ASP B 58 -3.40 -8.33 -10.65
N CYS B 59 -4.19 -7.71 -9.79
CA CYS B 59 -4.30 -8.16 -8.41
C CYS B 59 -5.46 -9.13 -8.22
N ALA B 60 -6.36 -9.20 -9.20
CA ALA B 60 -7.53 -10.06 -9.12
C ALA B 60 -8.25 -9.88 -7.78
N PHE B 61 -8.47 -8.62 -7.39
CA PHE B 61 -9.10 -8.28 -6.12
C PHE B 61 -10.56 -8.73 -6.07
N PRO B 62 -10.94 -9.58 -5.10
CA PRO B 62 -12.35 -9.97 -5.04
C PRO B 62 -13.30 -8.82 -4.67
N HIS B 63 -12.78 -7.80 -4.00
CA HIS B 63 -13.61 -6.66 -3.58
C HIS B 63 -13.81 -5.63 -4.67
N LEU B 64 -13.07 -5.74 -5.76
CA LEU B 64 -13.12 -4.72 -6.80
C LEU B 64 -14.20 -5.06 -7.81
N ALA B 65 -15.35 -4.40 -7.69
CA ALA B 65 -16.47 -4.64 -8.59
C ALA B 65 -16.19 -4.09 -9.99
N GLY B 66 -15.38 -3.04 -10.05
CA GLY B 66 -15.03 -2.41 -11.32
C GLY B 66 -14.37 -1.07 -11.10
N PHE B 67 -14.10 -0.36 -12.19
CA PHE B 67 -13.51 0.96 -12.12
C PHE B 67 -13.70 1.72 -13.43
N VAL B 68 -13.58 3.04 -13.36
CA VAL B 68 -13.47 3.87 -14.56
C VAL B 68 -12.30 4.81 -14.38
N ALA B 69 -11.40 4.83 -15.36
CA ALA B 69 -10.28 5.76 -15.38
C ALA B 69 -10.63 6.81 -16.44
N THR B 70 -10.55 8.07 -16.06
CA THR B 70 -11.12 9.13 -16.89
C THR B 70 -10.53 10.51 -16.61
N THR B 71 -10.72 11.41 -17.56
CA THR B 71 -10.42 12.84 -17.38
C THR B 71 -11.71 13.64 -17.31
N ASP B 72 -12.85 12.95 -17.41
CA ASP B 72 -14.15 13.60 -17.47
C ASP B 72 -14.78 13.74 -16.09
N PRO B 73 -15.11 14.96 -15.67
CA PRO B 73 -15.73 15.11 -14.34
C PRO B 73 -17.04 14.33 -14.17
N LYS B 74 -17.92 14.34 -15.15
CA LYS B 74 -19.20 13.64 -14.99
C LYS B 74 -18.97 12.16 -14.68
N ALA B 75 -18.09 11.52 -15.44
CA ALA B 75 -17.81 10.11 -15.23
C ALA B 75 -17.18 9.87 -13.86
N ALA B 76 -16.38 10.81 -13.39
CA ALA B 76 -15.66 10.67 -12.12
C ALA B 76 -16.56 10.85 -10.89
N PHE B 77 -17.54 11.75 -10.97
CA PHE B 77 -18.32 12.14 -9.81
C PHE B 77 -19.70 11.50 -9.74
N LYS B 78 -20.13 10.86 -10.82
CA LYS B 78 -21.50 10.37 -10.91
C LYS B 78 -21.83 9.30 -9.87
N ASP B 79 -22.78 9.62 -8.99
CA ASP B 79 -23.34 8.68 -8.02
C ASP B 79 -22.32 8.14 -7.01
N ILE B 80 -21.26 8.88 -6.73
CA ILE B 80 -20.23 8.41 -5.80
C ILE B 80 -20.70 8.48 -4.34
N ASP B 81 -20.17 7.57 -3.52
CA ASP B 81 -20.49 7.51 -2.10
C ASP B 81 -19.45 8.27 -1.25
N CYS B 82 -18.20 8.30 -1.69
CA CYS B 82 -17.18 9.11 -1.02
C CYS B 82 -16.10 9.53 -2.00
N ALA B 83 -15.26 10.47 -1.57
CA ALA B 83 -14.23 11.02 -2.44
C ALA B 83 -12.97 11.37 -1.68
N PHE B 84 -11.84 11.04 -2.28
CA PHE B 84 -10.53 11.45 -1.79
C PHE B 84 -10.01 12.51 -2.76
N LEU B 85 -10.13 13.78 -2.38
CA LEU B 85 -9.69 14.88 -3.23
C LEU B 85 -8.21 15.15 -3.01
N VAL B 86 -7.39 14.40 -3.75
CA VAL B 86 -5.95 14.43 -3.59
C VAL B 86 -5.31 15.48 -4.49
N ALA B 87 -5.84 15.62 -5.70
CA ALA B 87 -5.28 16.57 -6.67
C ALA B 87 -5.37 18.01 -6.20
N SER B 88 -4.32 18.78 -6.47
CA SER B 88 -4.31 20.22 -6.27
C SER B 88 -3.25 20.83 -7.17
N MET B 89 -3.25 22.15 -7.27
N MET B 89 -3.24 22.15 -7.27
CA MET B 89 -2.23 22.89 -8.02
CA MET B 89 -2.23 22.87 -8.06
C MET B 89 -1.02 23.07 -7.12
C MET B 89 -1.00 23.14 -7.19
N PRO B 90 0.16 22.60 -7.55
CA PRO B 90 1.34 22.82 -6.71
C PRO B 90 1.82 24.27 -6.73
N LEU B 91 2.62 24.63 -5.74
CA LEU B 91 3.24 25.95 -5.67
C LEU B 91 4.25 26.09 -6.82
N LYS B 92 4.14 27.18 -7.58
CA LYS B 92 5.09 27.44 -8.66
C LYS B 92 6.27 28.23 -8.12
N PRO B 93 7.43 28.16 -8.79
CA PRO B 93 8.60 28.93 -8.33
C PRO B 93 8.26 30.41 -8.19
N GLY B 94 8.66 31.01 -7.08
CA GLY B 94 8.42 32.44 -6.87
C GLY B 94 7.11 32.76 -6.19
N GLN B 95 6.18 31.81 -6.15
CA GLN B 95 4.88 32.05 -5.51
C GLN B 95 4.97 31.98 -3.99
N VAL B 96 4.09 32.73 -3.33
CA VAL B 96 3.93 32.63 -1.89
C VAL B 96 2.59 31.96 -1.60
N ARG B 97 2.31 31.73 -0.32
CA ARG B 97 1.11 31.00 0.08
C ARG B 97 -0.17 31.61 -0.48
N ALA B 98 -0.24 32.95 -0.53
CA ALA B 98 -1.42 33.61 -1.06
C ALA B 98 -1.71 33.18 -2.49
N ASP B 99 -0.65 32.99 -3.27
CA ASP B 99 -0.78 32.56 -4.66
C ASP B 99 -1.24 31.10 -4.74
N LEU B 100 -0.73 30.27 -3.82
CA LEU B 100 -1.17 28.88 -3.72
C LEU B 100 -2.66 28.80 -3.42
N ILE B 101 -3.13 29.59 -2.46
CA ILE B 101 -4.53 29.63 -2.14
C ILE B 101 -5.32 30.04 -3.38
N SER B 102 -4.85 31.10 -4.04
CA SER B 102 -5.52 31.63 -5.22
C SER B 102 -5.65 30.61 -6.36
N SER B 103 -4.55 30.00 -6.74
CA SER B 103 -4.56 29.05 -7.85
C SER B 103 -5.53 27.91 -7.56
N ASN B 104 -5.55 27.44 -6.32
CA ASN B 104 -6.38 26.30 -5.97
C ASN B 104 -7.87 26.64 -5.79
N SER B 105 -8.18 27.91 -5.51
CA SER B 105 -9.57 28.32 -5.31
C SER B 105 -10.44 27.97 -6.51
N VAL B 106 -9.89 28.13 -7.71
CA VAL B 106 -10.65 27.82 -8.93
C VAL B 106 -10.96 26.33 -9.07
N ILE B 107 -9.94 25.49 -8.82
N ILE B 107 -9.98 25.47 -8.82
CA ILE B 107 -10.07 24.03 -8.89
CA ILE B 107 -10.20 24.05 -9.01
C ILE B 107 -11.17 23.55 -7.96
C ILE B 107 -11.13 23.47 -7.94
N PHE B 108 -11.15 24.08 -6.75
CA PHE B 108 -12.05 23.60 -5.72
C PHE B 108 -13.45 24.21 -5.81
N LYS B 109 -13.55 25.44 -6.34
CA LYS B 109 -14.86 25.94 -6.76
C LYS B 109 -15.47 24.96 -7.77
N ASN B 110 -14.71 24.64 -8.82
CA ASN B 110 -15.21 23.73 -9.86
C ASN B 110 -15.55 22.34 -9.32
N THR B 111 -14.74 21.85 -8.40
CA THR B 111 -14.99 20.53 -7.80
C THR B 111 -16.27 20.53 -6.94
N GLY B 112 -16.49 21.59 -6.17
CA GLY B 112 -17.70 21.68 -5.39
C GLY B 112 -18.92 21.62 -6.30
N GLU B 113 -18.79 22.24 -7.46
CA GLU B 113 -19.90 22.28 -8.40
C GLU B 113 -20.17 20.89 -8.99
N TYR B 114 -19.10 20.17 -9.33
CA TYR B 114 -19.22 18.81 -9.82
C TYR B 114 -19.85 17.89 -8.77
N LEU B 115 -19.39 18.00 -7.52
CA LEU B 115 -19.94 17.20 -6.44
C LEU B 115 -21.44 17.40 -6.32
N SER B 116 -21.88 18.66 -6.30
CA SER B 116 -23.28 18.96 -6.07
C SER B 116 -24.14 18.45 -7.22
N LYS B 117 -23.64 18.58 -8.44
CA LYS B 117 -24.38 18.19 -9.63
C LYS B 117 -24.50 16.67 -9.81
N TRP B 118 -23.48 15.91 -9.39
CA TRP B 118 -23.41 14.49 -9.78
C TRP B 118 -23.26 13.46 -8.67
N ALA B 119 -22.68 13.84 -7.54
CA ALA B 119 -22.45 12.88 -6.45
C ALA B 119 -23.78 12.59 -5.73
N LYS B 120 -23.81 11.49 -5.00
CA LYS B 120 -24.96 11.20 -4.14
C LYS B 120 -25.07 12.27 -3.06
N PRO B 121 -26.30 12.59 -2.63
CA PRO B 121 -26.47 13.55 -1.52
C PRO B 121 -25.76 13.11 -0.24
N SER B 122 -25.47 11.82 -0.12
CA SER B 122 -24.85 11.27 1.09
C SER B 122 -23.32 11.27 1.01
N VAL B 123 -22.78 11.84 -0.06
CA VAL B 123 -21.34 11.75 -0.33
C VAL B 123 -20.47 12.31 0.80
N LYS B 124 -19.42 11.57 1.14
CA LYS B 124 -18.44 12.00 2.13
C LYS B 124 -17.13 12.39 1.44
N VAL B 125 -16.84 13.68 1.49
CA VAL B 125 -15.76 14.28 0.74
C VAL B 125 -14.59 14.61 1.67
N LEU B 126 -13.48 13.88 1.50
CA LEU B 126 -12.26 14.14 2.24
C LEU B 126 -11.24 14.94 1.42
N VAL B 127 -10.96 16.16 1.85
CA VAL B 127 -10.04 17.05 1.15
C VAL B 127 -8.60 16.88 1.65
N ILE B 128 -7.72 16.52 0.72
CA ILE B 128 -6.35 16.19 1.05
C ILE B 128 -5.38 17.17 0.37
N GLY B 129 -5.61 17.48 -0.89
CA GLY B 129 -4.80 18.46 -1.60
C GLY B 129 -4.68 19.81 -0.89
N ASN B 130 -3.47 20.35 -0.89
CA ASN B 130 -3.23 21.59 -0.16
CA ASN B 130 -3.13 21.59 -0.18
C ASN B 130 -3.50 22.85 -0.97
N PRO B 131 -3.90 23.94 -0.28
CA PRO B 131 -4.12 24.09 1.16
C PRO B 131 -5.47 23.49 1.56
N ASP B 132 -5.46 22.39 2.32
CA ASP B 132 -6.66 21.56 2.42
C ASP B 132 -7.84 22.20 3.17
N ASN B 133 -7.61 22.81 4.33
CA ASN B 133 -8.71 23.48 5.04
C ASN B 133 -9.44 24.46 4.12
N THR B 134 -8.67 25.29 3.41
CA THR B 134 -9.29 26.33 2.61
C THR B 134 -9.89 25.76 1.33
N ASN B 135 -9.22 24.79 0.71
CA ASN B 135 -9.78 24.10 -0.43
C ASN B 135 -11.14 23.48 -0.07
N CYS B 136 -11.23 22.94 1.14
CA CYS B 136 -12.47 22.31 1.62
C CYS B 136 -13.58 23.35 1.78
N GLU B 137 -13.25 24.47 2.40
CA GLU B 137 -14.21 25.56 2.58
C GLU B 137 -14.76 26.02 1.22
N ILE B 138 -13.86 26.23 0.28
CA ILE B 138 -14.25 26.69 -1.07
C ILE B 138 -15.10 25.66 -1.81
N ALA B 139 -14.74 24.39 -1.74
CA ALA B 139 -15.53 23.35 -2.39
C ALA B 139 -16.94 23.31 -1.80
N MET B 140 -17.02 23.37 -0.48
CA MET B 140 -18.31 23.35 0.23
C MET B 140 -19.18 24.56 -0.16
N LEU B 141 -18.59 25.74 -0.14
CA LEU B 141 -19.32 26.96 -0.45
C LEU B 141 -19.97 26.92 -1.84
N HIS B 142 -19.34 26.16 -2.73
CA HIS B 142 -19.77 26.10 -4.13
C HIS B 142 -20.44 24.77 -4.50
N ALA B 143 -20.96 24.08 -3.48
CA ALA B 143 -21.69 22.83 -3.68
C ALA B 143 -23.13 23.04 -3.21
N LYS B 144 -23.97 23.56 -4.09
CA LYS B 144 -25.26 24.11 -3.64
C LYS B 144 -26.24 23.07 -3.08
N ASN B 145 -26.12 21.82 -3.53
CA ASN B 145 -27.06 20.78 -3.10
C ASN B 145 -26.49 19.89 -2.00
N LEU B 146 -25.31 20.24 -1.51
CA LEU B 146 -24.69 19.51 -0.42
C LEU B 146 -24.67 20.37 0.85
N LYS B 147 -24.16 19.78 1.93
CA LYS B 147 -24.22 20.40 3.25
C LYS B 147 -22.87 20.27 3.94
N PRO B 148 -22.67 21.00 5.05
CA PRO B 148 -21.39 20.92 5.78
C PRO B 148 -21.02 19.50 6.18
N GLU B 149 -22.03 18.68 6.46
CA GLU B 149 -21.80 17.32 6.92
CA GLU B 149 -21.83 17.31 6.90
C GLU B 149 -21.15 16.46 5.84
N ASN B 150 -21.16 16.93 4.59
CA ASN B 150 -20.57 16.18 3.48
C ASN B 150 -19.05 16.35 3.34
N PHE B 151 -18.45 17.26 4.12
CA PHE B 151 -17.07 17.70 3.90
C PHE B 151 -16.16 17.64 5.14
N SER B 152 -14.90 17.24 4.92
CA SER B 152 -13.85 17.33 5.94
C SER B 152 -12.48 17.40 5.30
N SER B 153 -11.46 17.76 6.08
CA SER B 153 -10.09 17.84 5.56
C SER B 153 -9.18 17.00 6.44
N LEU B 154 -8.04 16.61 5.90
CA LEU B 154 -7.18 15.61 6.53
C LEU B 154 -6.10 16.22 7.41
N SER B 155 -6.16 15.98 8.71
CA SER B 155 -5.11 16.42 9.62
C SER B 155 -4.47 15.26 10.37
N MET B 156 -4.90 14.03 10.06
CA MET B 156 -4.43 12.85 10.78
C MET B 156 -2.94 12.51 10.53
N LEU B 157 -2.40 12.92 9.39
CA LEU B 157 -0.97 12.69 9.13
C LEU B 157 -0.16 13.38 10.22
N ASP B 158 -0.52 14.62 10.52
CA ASP B 158 0.18 15.40 11.52
C ASP B 158 -0.01 14.80 12.92
N GLN B 159 -1.22 14.31 13.21
CA GLN B 159 -1.47 13.66 14.49
C GLN B 159 -0.63 12.40 14.64
N ASN B 160 -0.54 11.61 13.57
CA ASN B 160 0.26 10.39 13.63
C ASN B 160 1.75 10.71 13.82
N ARG B 161 2.22 11.76 13.15
CA ARG B 161 3.60 12.20 13.35
C ARG B 161 3.84 12.58 14.81
N ALA B 162 2.87 13.29 15.39
CA ALA B 162 3.00 13.73 16.77
C ALA B 162 3.00 12.56 17.73
N TYR B 163 2.11 11.60 17.52
CA TYR B 163 2.08 10.42 18.37
C TYR B 163 3.40 9.67 18.39
N TYR B 164 3.98 9.42 17.22
CA TYR B 164 5.24 8.69 17.17
C TYR B 164 6.35 9.51 17.84
N GLU B 165 6.42 10.79 17.53
CA GLU B 165 7.45 11.64 18.13
C GLU B 165 7.38 11.59 19.67
N VAL B 166 6.20 11.78 20.22
CA VAL B 166 6.04 11.80 21.68
C VAL B 166 6.30 10.42 22.30
N ALA B 167 5.75 9.36 21.72
CA ALA B 167 5.96 8.01 22.25
C ALA B 167 7.45 7.66 22.27
N SER B 168 8.16 8.00 21.20
CA SER B 168 9.59 7.73 21.12
CA SER B 168 9.59 7.73 21.13
C SER B 168 10.33 8.50 22.21
N LYS B 169 9.98 9.78 22.38
CA LYS B 169 10.61 10.65 23.36
C LYS B 169 10.43 10.09 24.78
N LEU B 170 9.27 9.51 25.02
CA LEU B 170 8.92 9.00 26.34
C LEU B 170 9.33 7.55 26.54
N GLY B 171 9.67 6.87 25.45
CA GLY B 171 10.09 5.49 25.52
C GLY B 171 8.94 4.54 25.80
N VAL B 172 7.79 4.81 25.20
CA VAL B 172 6.64 3.92 25.28
C VAL B 172 6.11 3.66 23.88
N ASP B 173 5.19 2.71 23.74
N ASP B 173 5.16 2.73 23.79
CA ASP B 173 4.59 2.47 22.43
CA ASP B 173 4.46 2.42 22.53
C ASP B 173 3.42 3.44 22.24
C ASP B 173 3.45 3.52 22.24
N VAL B 174 3.04 3.66 20.99
CA VAL B 174 2.06 4.68 20.64
C VAL B 174 0.71 4.42 21.30
N LYS B 175 0.40 3.16 21.57
CA LYS B 175 -0.89 2.81 22.18
C LYS B 175 -0.97 3.30 23.63
N ASP B 176 0.19 3.62 24.21
CA ASP B 176 0.24 4.05 25.60
C ASP B 176 0.23 5.58 25.75
N VAL B 177 0.08 6.29 24.64
CA VAL B 177 -0.09 7.74 24.66
C VAL B 177 -1.53 8.07 24.29
N HIS B 178 -2.08 9.15 24.87
CA HIS B 178 -3.49 9.47 24.68
C HIS B 178 -3.74 10.97 24.56
N ASP B 179 -4.69 11.33 23.70
CA ASP B 179 -5.25 12.68 23.64
C ASP B 179 -4.27 13.76 23.15
N ILE B 180 -3.39 13.40 22.23
CA ILE B 180 -2.66 14.39 21.44
C ILE B 180 -3.61 14.91 20.36
N ILE B 181 -3.61 16.22 20.15
CA ILE B 181 -4.55 16.85 19.22
C ILE B 181 -3.82 17.84 18.32
N VAL B 182 -4.20 17.85 17.05
N VAL B 182 -4.15 17.84 17.03
CA VAL B 182 -3.77 18.86 16.09
CA VAL B 182 -3.72 18.91 16.13
C VAL B 182 -4.97 19.76 15.81
C VAL B 182 -4.93 19.78 15.78
N TRP B 183 -4.86 21.04 16.18
CA TRP B 183 -5.97 21.99 16.00
C TRP B 183 -5.73 22.98 14.87
N GLY B 184 -6.82 23.41 14.26
CA GLY B 184 -6.79 24.58 13.40
C GLY B 184 -6.41 24.32 11.95
N ASN B 185 -5.55 25.18 11.43
CA ASN B 185 -5.13 25.12 10.03
C ASN B 185 -3.94 24.19 9.90
N HIS B 186 -3.70 23.72 8.69
CA HIS B 186 -2.37 23.21 8.36
C HIS B 186 -1.40 24.38 8.23
N GLY B 187 -0.17 24.07 7.87
CA GLY B 187 0.80 25.12 7.66
C GLY B 187 1.36 25.60 8.97
N GLU B 188 1.94 26.79 8.93
CA GLU B 188 2.70 27.32 10.05
C GLU B 188 1.88 27.57 11.31
N SER B 189 0.58 27.81 11.15
CA SER B 189 -0.25 28.17 12.31
C SER B 189 -0.86 26.95 13.02
N MET B 190 -0.57 25.75 12.52
N MET B 190 -0.59 25.75 12.50
CA MET B 190 -1.13 24.53 13.08
CA MET B 190 -1.10 24.53 13.10
C MET B 190 -0.73 24.37 14.55
C MET B 190 -0.76 24.47 14.58
N VAL B 191 -1.68 23.98 15.39
CA VAL B 191 -1.45 23.84 16.82
C VAL B 191 -1.28 22.36 17.15
N ALA B 192 -0.05 21.96 17.40
CA ALA B 192 0.23 20.61 17.86
C ALA B 192 0.16 20.62 19.40
N ASP B 193 -0.99 20.23 19.91
CA ASP B 193 -1.33 20.43 21.33
C ASP B 193 -1.00 19.19 22.15
N LEU B 194 -0.11 19.37 23.13
CA LEU B 194 0.23 18.31 24.07
C LEU B 194 -0.34 18.55 25.46
N THR B 195 -1.03 19.68 25.65
CA THR B 195 -1.49 20.06 26.99
C THR B 195 -2.58 19.14 27.57
N GLN B 196 -3.24 18.35 26.72
CA GLN B 196 -4.25 17.39 27.21
C GLN B 196 -3.63 16.01 27.43
N ALA B 197 -2.46 15.79 26.86
CA ALA B 197 -1.96 14.45 26.62
C ALA B 197 -1.48 13.74 27.88
N THR B 198 -1.80 12.45 27.96
CA THR B 198 -1.31 11.59 29.02
C THR B 198 -0.63 10.36 28.43
N PHE B 199 0.18 9.69 29.24
CA PHE B 199 0.80 8.44 28.83
C PHE B 199 0.90 7.48 29.99
N THR B 200 0.94 6.20 29.66
CA THR B 200 1.11 5.14 30.66
C THR B 200 2.50 4.53 30.51
N LYS B 201 3.22 4.48 31.61
CA LYS B 201 4.53 3.83 31.63
C LYS B 201 4.65 3.10 32.96
N GLU B 202 4.75 1.76 32.88
CA GLU B 202 4.89 0.92 34.06
C GLU B 202 3.69 1.11 34.99
N GLY B 203 2.50 0.95 34.43
CA GLY B 203 1.25 1.05 35.17
C GLY B 203 1.03 2.40 35.83
N LYS B 204 1.83 3.38 35.44
CA LYS B 204 1.72 4.74 35.98
C LYS B 204 1.31 5.70 34.86
N THR B 205 0.20 6.39 35.06
CA THR B 205 -0.30 7.35 34.09
C THR B 205 -0.05 8.78 34.55
N GLN B 206 0.56 9.58 33.68
CA GLN B 206 0.87 10.98 33.97
C GLN B 206 0.55 11.84 32.76
N LYS B 207 0.55 13.16 32.97
CA LYS B 207 0.43 14.10 31.87
C LYS B 207 1.78 14.32 31.22
N VAL B 208 1.78 14.36 29.89
CA VAL B 208 3.00 14.54 29.13
C VAL B 208 3.72 15.83 29.52
N VAL B 209 2.98 16.93 29.65
CA VAL B 209 3.61 18.22 29.94
C VAL B 209 4.13 18.32 31.38
N ASP B 210 3.80 17.33 32.20
CA ASP B 210 4.30 17.29 33.58
C ASP B 210 5.63 16.56 33.67
N VAL B 211 6.05 15.92 32.57
CA VAL B 211 7.25 15.10 32.55
C VAL B 211 8.31 15.66 31.61
N LEU B 212 7.88 16.16 30.46
CA LEU B 212 8.81 16.68 29.45
C LEU B 212 9.20 18.14 29.72
N ASP B 213 10.42 18.50 29.34
CA ASP B 213 10.90 19.87 29.49
C ASP B 213 10.01 20.84 28.73
N HIS B 214 9.81 22.01 29.31
CA HIS B 214 8.99 23.05 28.70
C HIS B 214 9.55 23.43 27.33
N ASP B 215 10.88 23.43 27.22
CA ASP B 215 11.53 23.80 25.97
C ASP B 215 11.14 22.84 24.85
N TYR B 216 11.20 21.54 25.16
CA TYR B 216 10.81 20.53 24.19
C TYR B 216 9.36 20.71 23.75
N VAL B 217 8.44 20.69 24.71
CA VAL B 217 7.02 20.81 24.42
C VAL B 217 6.68 22.02 23.56
N PHE B 218 7.07 23.21 24.04
CA PHE B 218 6.63 24.46 23.41
C PHE B 218 7.66 25.08 22.47
N ASP B 219 8.60 24.27 21.98
CA ASP B 219 9.51 24.73 20.92
C ASP B 219 10.02 23.59 20.03
N THR B 220 10.89 22.76 20.57
CA THR B 220 11.54 21.69 19.80
C THR B 220 10.52 20.78 19.11
N PHE B 221 9.41 20.53 19.80
CA PHE B 221 8.42 19.56 19.35
C PHE B 221 7.76 20.01 18.05
N PHE B 222 7.21 21.22 18.01
CA PHE B 222 6.58 21.70 16.79
C PHE B 222 7.59 21.86 15.66
N LYS B 223 8.83 22.15 16.03
CA LYS B 223 9.90 22.27 15.05
C LYS B 223 10.14 20.93 14.34
N LYS B 224 10.32 19.85 15.10
N LYS B 224 10.31 19.87 15.13
CA LYS B 224 10.54 18.56 14.48
CA LYS B 224 10.51 18.53 14.60
C LYS B 224 9.35 18.15 13.62
C LYS B 224 9.37 18.14 13.67
N ILE B 225 8.14 18.34 14.15
CA ILE B 225 6.94 18.02 13.39
C ILE B 225 6.92 18.80 12.09
N GLY B 226 7.26 20.08 12.17
CA GLY B 226 7.16 20.99 11.03
C GLY B 226 8.15 20.74 9.90
N HIS B 227 9.33 20.24 10.23
CA HIS B 227 10.38 20.02 9.23
C HIS B 227 10.47 18.56 8.82
N ARG B 228 9.48 17.77 9.23
CA ARG B 228 9.48 16.34 8.99
C ARG B 228 9.32 16.01 7.51
N ALA B 229 8.33 16.65 6.88
CA ALA B 229 8.05 16.45 5.46
C ALA B 229 9.26 16.81 4.60
N TRP B 230 9.93 17.89 4.98
CA TRP B 230 11.09 18.35 4.25
C TRP B 230 12.22 17.34 4.37
N ASP B 231 12.36 16.81 5.59
CA ASP B 231 13.40 15.85 5.89
C ASP B 231 13.19 14.56 5.08
N ILE B 232 11.93 14.16 4.91
N ILE B 232 11.94 14.16 4.89
CA ILE B 232 11.57 13.03 4.06
CA ILE B 232 11.64 12.99 4.07
C ILE B 232 12.04 13.30 2.64
C ILE B 232 11.98 13.27 2.60
N LEU B 233 11.57 14.42 2.10
CA LEU B 233 11.88 14.83 0.72
C LEU B 233 13.39 14.87 0.50
N GLU B 234 14.10 15.39 1.50
CA GLU B 234 15.54 15.45 1.47
C GLU B 234 16.16 14.09 1.21
N HIS B 235 15.71 13.07 1.94
CA HIS B 235 16.29 11.74 1.87
C HIS B 235 15.67 10.89 0.74
N ARG B 236 14.39 11.11 0.47
CA ARG B 236 13.64 10.28 -0.48
C ARG B 236 13.80 10.76 -1.91
N GLY B 237 13.83 12.08 -2.09
CA GLY B 237 13.87 12.68 -3.40
C GLY B 237 12.48 13.00 -3.91
N PHE B 238 11.47 12.52 -3.19
CA PHE B 238 10.07 12.85 -3.45
C PHE B 238 9.36 13.05 -2.13
N THR B 239 8.18 13.65 -2.15
CA THR B 239 7.44 13.87 -0.92
C THR B 239 6.79 12.57 -0.44
N SER B 240 6.24 12.59 0.76
CA SER B 240 5.62 11.42 1.36
CA SER B 240 5.66 11.39 1.34
C SER B 240 4.48 10.91 0.49
N ALA B 241 4.17 9.62 0.61
CA ALA B 241 3.10 9.01 -0.17
C ALA B 241 2.34 7.96 0.65
N ALA B 242 3.07 6.97 1.15
CA ALA B 242 2.45 5.92 1.96
C ALA B 242 1.81 6.48 3.24
N SER B 243 2.48 7.42 3.90
CA SER B 243 2.00 7.90 5.20
C SER B 243 0.76 8.82 5.09
N PRO B 244 0.69 9.71 4.08
CA PRO B 244 -0.60 10.40 3.94
C PRO B 244 -1.73 9.46 3.50
N THR B 245 -1.41 8.41 2.75
CA THR B 245 -2.42 7.46 2.31
C THR B 245 -3.00 6.72 3.52
N LYS B 246 -2.10 6.30 4.42
CA LYS B 246 -2.49 5.61 5.64
C LYS B 246 -3.45 6.48 6.46
N ALA B 247 -3.10 7.75 6.58
CA ALA B 247 -3.91 8.69 7.33
C ALA B 247 -5.26 8.92 6.66
N ALA B 248 -5.26 9.00 5.32
CA ALA B 248 -6.48 9.24 4.57
C ALA B 248 -7.49 8.11 4.74
N ILE B 249 -7.01 6.87 4.63
N ILE B 249 -7.02 6.86 4.66
CA ILE B 249 -7.86 5.70 4.80
CA ILE B 249 -7.94 5.74 4.78
C ILE B 249 -8.38 5.63 6.23
C ILE B 249 -8.37 5.55 6.25
N GLN B 250 -7.52 5.95 7.18
CA GLN B 250 -7.89 5.95 8.60
C GLN B 250 -9.03 6.94 8.87
N HIS B 251 -8.90 8.15 8.32
CA HIS B 251 -9.92 9.20 8.44
C HIS B 251 -11.25 8.75 7.84
N MET B 252 -11.21 8.31 6.58
CA MET B 252 -12.44 7.90 5.90
C MET B 252 -13.13 6.69 6.56
N LYS B 253 -12.34 5.71 7.00
CA LYS B 253 -12.91 4.51 7.61
C LYS B 253 -13.63 4.86 8.92
N ALA B 254 -13.01 5.72 9.72
CA ALA B 254 -13.64 6.23 10.92
C ALA B 254 -14.92 7.02 10.58
N TRP B 255 -14.84 7.85 9.54
CA TRP B 255 -15.97 8.68 9.11
C TRP B 255 -17.15 7.82 8.65
N LEU B 256 -16.85 6.71 7.97
CA LEU B 256 -17.89 5.83 7.44
C LEU B 256 -18.56 4.99 8.53
N PHE B 257 -17.78 4.43 9.45
CA PHE B 257 -18.29 3.40 10.37
C PHE B 257 -18.14 3.69 11.87
N GLY B 258 -17.52 4.81 12.21
CA GLY B 258 -17.42 5.21 13.61
C GLY B 258 -16.05 4.94 14.22
N THR B 259 -15.74 5.66 15.29
CA THR B 259 -14.47 5.50 15.99
C THR B 259 -14.64 4.56 17.17
N ALA B 260 -13.51 4.09 17.72
CA ALA B 260 -13.51 3.15 18.82
C ALA B 260 -13.57 3.88 20.16
N PRO B 261 -13.98 3.18 21.23
CA PRO B 261 -14.05 3.81 22.56
C PRO B 261 -12.73 4.47 22.95
N GLY B 262 -12.79 5.73 23.37
CA GLY B 262 -11.61 6.46 23.80
C GLY B 262 -10.77 7.05 22.67
N GLU B 263 -11.09 6.67 21.44
CA GLU B 263 -10.34 7.16 20.28
C GLU B 263 -10.68 8.62 19.97
N VAL B 264 -9.64 9.44 19.75
CA VAL B 264 -9.81 10.84 19.38
C VAL B 264 -8.98 11.11 18.14
N LEU B 265 -9.67 11.44 17.05
CA LEU B 265 -9.00 11.75 15.79
C LEU B 265 -9.15 13.22 15.44
N SER B 266 -8.03 13.89 15.20
CA SER B 266 -8.06 15.24 14.68
C SER B 266 -8.61 15.19 13.26
N MET B 267 -9.61 16.03 12.99
CA MET B 267 -10.23 16.12 11.68
C MET B 267 -10.57 17.58 11.40
N GLY B 268 -10.27 18.04 10.18
CA GLY B 268 -10.75 19.34 9.74
C GLY B 268 -12.22 19.29 9.36
N ILE B 269 -13.06 20.06 10.05
CA ILE B 269 -14.49 20.08 9.75
C ILE B 269 -15.00 21.51 9.68
N PRO B 270 -16.09 21.72 8.95
CA PRO B 270 -16.77 23.02 9.07
C PRO B 270 -17.05 23.29 10.54
N VAL B 271 -16.66 24.45 11.05
CA VAL B 271 -16.81 24.73 12.49
C VAL B 271 -18.28 24.64 12.87
N PRO B 272 -18.61 23.80 13.87
CA PRO B 272 -20.00 23.77 14.33
C PRO B 272 -20.37 25.00 15.16
N GLU B 273 -21.55 25.56 14.91
CA GLU B 273 -22.05 26.62 15.79
C GLU B 273 -22.16 26.03 17.18
N GLY B 274 -21.71 26.78 18.17
CA GLY B 274 -21.78 26.33 19.55
C GLY B 274 -20.81 25.19 19.89
N ASN B 275 -19.71 25.10 19.16
CA ASN B 275 -18.63 24.20 19.56
C ASN B 275 -18.09 24.68 20.90
N PRO B 276 -17.45 23.78 21.67
CA PRO B 276 -17.11 24.18 23.04
C PRO B 276 -15.75 24.88 23.19
N TYR B 277 -15.09 25.21 22.09
CA TYR B 277 -13.72 25.74 22.16
C TYR B 277 -13.57 27.18 21.64
N GLY B 278 -14.70 27.86 21.49
CA GLY B 278 -14.71 29.29 21.16
C GLY B 278 -14.24 29.62 19.75
N ILE B 279 -14.42 28.69 18.82
CA ILE B 279 -14.07 28.91 17.43
C ILE B 279 -15.27 29.44 16.64
N LYS B 280 -15.01 30.45 15.81
CA LYS B 280 -16.06 31.09 15.03
C LYS B 280 -16.46 30.25 13.82
N PRO B 281 -17.77 30.10 13.56
CA PRO B 281 -18.20 29.43 12.34
C PRO B 281 -17.75 30.18 11.08
N GLY B 282 -17.54 29.47 9.98
CA GLY B 282 -17.24 30.10 8.71
C GLY B 282 -16.00 29.54 8.03
N VAL B 283 -15.24 28.69 8.73
CA VAL B 283 -14.09 28.03 8.15
C VAL B 283 -14.10 26.55 8.46
N VAL B 284 -13.12 25.84 7.89
CA VAL B 284 -12.88 24.43 8.17
C VAL B 284 -11.66 24.39 9.07
N PHE B 285 -11.82 23.76 10.24
CA PHE B 285 -10.90 23.89 11.37
C PHE B 285 -10.67 22.49 11.96
N SER B 286 -9.42 22.12 12.21
CA SER B 286 -9.15 20.81 12.79
C SER B 286 -9.53 20.81 14.26
N PHE B 287 -10.39 19.85 14.65
CA PHE B 287 -10.82 19.65 16.04
C PHE B 287 -10.51 18.22 16.47
N PRO B 288 -10.42 17.98 17.80
CA PRO B 288 -10.47 16.59 18.29
C PRO B 288 -11.87 16.04 18.07
N CYS B 289 -11.98 14.92 17.35
CA CYS B 289 -13.28 14.39 16.96
C CYS B 289 -13.43 12.92 17.30
N ASN B 290 -14.68 12.49 17.47
CA ASN B 290 -15.03 11.09 17.33
C ASN B 290 -16.16 11.00 16.31
N VAL B 291 -16.53 9.77 15.94
CA VAL B 291 -17.58 9.54 14.95
C VAL B 291 -18.50 8.43 15.46
N ASP B 292 -19.81 8.66 15.43
CA ASP B 292 -20.75 7.67 15.94
C ASP B 292 -21.02 6.60 14.89
N LYS B 293 -21.78 5.57 15.26
CA LYS B 293 -22.01 4.43 14.39
C LYS B 293 -22.83 4.81 13.15
N GLU B 294 -23.51 5.95 13.22
CA GLU B 294 -24.26 6.46 12.09
C GLU B 294 -23.38 7.26 11.13
N GLY B 295 -22.09 7.41 11.47
CA GLY B 295 -21.15 8.08 10.61
C GLY B 295 -21.15 9.59 10.72
N LYS B 296 -21.63 10.10 11.85
CA LYS B 296 -21.67 11.53 12.11
C LYS B 296 -20.49 11.94 12.97
N ILE B 297 -19.78 12.98 12.52
CA ILE B 297 -18.63 13.50 13.28
C ILE B 297 -19.09 14.41 14.41
N HIS B 298 -18.50 14.24 15.59
CA HIS B 298 -18.75 15.11 16.73
C HIS B 298 -17.45 15.61 17.32
N VAL B 299 -17.39 16.90 17.63
CA VAL B 299 -16.25 17.45 18.37
C VAL B 299 -16.28 16.89 19.80
N VAL B 300 -15.13 16.40 20.25
CA VAL B 300 -15.02 15.84 21.59
C VAL B 300 -15.02 16.94 22.63
N GLU B 301 -15.89 16.81 23.63
CA GLU B 301 -16.02 17.81 24.69
C GLU B 301 -15.10 17.47 25.85
N GLY B 302 -14.78 18.47 26.67
CA GLY B 302 -14.10 18.25 27.94
C GLY B 302 -12.62 18.57 27.97
N PHE B 303 -12.03 18.89 26.84
CA PHE B 303 -10.61 19.28 26.83
C PHE B 303 -10.47 20.70 27.39
N LYS B 304 -9.30 21.01 27.94
CA LYS B 304 -9.08 22.28 28.61
C LYS B 304 -8.27 23.23 27.76
N VAL B 305 -8.66 24.50 27.75
CA VAL B 305 -7.94 25.52 27.01
C VAL B 305 -7.25 26.49 27.96
N ASN B 306 -5.94 26.31 28.15
CA ASN B 306 -5.15 27.24 28.95
C ASN B 306 -4.76 28.45 28.11
N ASP B 307 -4.09 29.42 28.72
CA ASP B 307 -3.76 30.66 28.04
C ASP B 307 -2.90 30.45 26.80
N TRP B 308 -1.97 29.50 26.85
CA TRP B 308 -1.18 29.16 25.67
C TRP B 308 -2.07 28.64 24.55
N LEU B 309 -2.94 27.70 24.86
CA LEU B 309 -3.76 27.09 23.82
C LEU B 309 -4.74 28.11 23.26
N ARG B 310 -5.30 28.94 24.15
CA ARG B 310 -6.23 29.98 23.72
C ARG B 310 -5.59 30.87 22.64
N GLU B 311 -4.37 31.32 22.90
CA GLU B 311 -3.70 32.22 21.99
C GLU B 311 -3.41 31.52 20.66
N LYS B 312 -2.99 30.25 20.72
CA LYS B 312 -2.68 29.50 19.51
C LYS B 312 -3.94 29.26 18.69
N LEU B 313 -5.05 28.93 19.35
CA LEU B 313 -6.31 28.70 18.65
C LEU B 313 -6.78 29.98 17.99
N ASP B 314 -6.70 31.10 18.72
CA ASP B 314 -7.10 32.39 18.18
C ASP B 314 -6.26 32.77 16.95
N PHE B 315 -4.96 32.47 16.99
CA PHE B 315 -4.06 32.80 15.89
C PHE B 315 -4.37 31.97 14.64
N THR B 316 -4.59 30.67 14.79
CA THR B 316 -4.85 29.81 13.64
C THR B 316 -6.26 30.07 13.08
N GLU B 317 -7.20 30.44 13.96
CA GLU B 317 -8.52 30.88 13.55
C GLU B 317 -8.43 32.10 12.64
N LYS B 318 -7.70 33.12 13.13
CA LYS B 318 -7.46 34.34 12.37
C LYS B 318 -6.83 34.02 11.01
N ASP B 319 -5.86 33.11 11.02
CA ASP B 319 -5.18 32.66 9.81
C ASP B 319 -6.17 32.06 8.81
N LEU B 320 -7.04 31.19 9.28
CA LEU B 320 -8.01 30.54 8.39
C LEU B 320 -8.99 31.52 7.74
N PHE B 321 -9.46 32.50 8.51
CA PHE B 321 -10.38 33.48 7.93
C PHE B 321 -9.67 34.33 6.88
N HIS B 322 -8.37 34.57 7.09
CA HIS B 322 -7.55 35.33 6.16
C HIS B 322 -7.36 34.58 4.84
N GLU B 323 -7.09 33.27 4.92
CA GLU B 323 -6.96 32.44 3.74
C GLU B 323 -8.27 32.43 2.94
N LYS B 324 -9.39 32.30 3.64
CA LYS B 324 -10.71 32.30 3.01
C LYS B 324 -10.91 33.61 2.26
N GLU B 325 -10.54 34.71 2.90
CA GLU B 325 -10.63 36.04 2.29
C GLU B 325 -9.81 36.11 0.99
N ILE B 326 -8.60 35.57 1.02
CA ILE B 326 -7.74 35.56 -0.16
C ILE B 326 -8.41 34.77 -1.29
N ALA B 327 -8.89 33.57 -0.97
CA ALA B 327 -9.51 32.69 -1.96
C ALA B 327 -10.75 33.33 -2.58
N LEU B 328 -11.63 33.88 -1.75
CA LEU B 328 -12.86 34.49 -2.25
C LEU B 328 -12.56 35.75 -3.07
N ASN B 329 -11.57 36.53 -2.63
CA ASN B 329 -11.18 37.72 -3.38
C ASN B 329 -10.62 37.38 -4.76
N HIS B 330 -9.80 36.32 -4.82
CA HIS B 330 -9.23 35.90 -6.09
C HIS B 330 -10.34 35.52 -7.05
N LEU B 331 -11.31 34.77 -6.56
CA LEU B 331 -12.42 34.34 -7.41
C LEU B 331 -13.24 35.55 -7.85
N ALA B 332 -13.43 36.49 -6.95
CA ALA B 332 -14.16 37.71 -7.27
C ALA B 332 -13.45 38.52 -8.34
N GLN B 333 -12.12 38.59 -8.26
CA GLN B 333 -11.34 39.36 -9.23
C GLN B 333 -11.41 38.73 -10.62
N LEU B 334 -11.34 37.40 -10.69
CA LEU B 334 -11.45 36.72 -11.99
C LEU B 334 -12.83 36.96 -12.60
N GLU B 335 -13.85 36.86 -11.76
CA GLU B 335 -15.21 37.13 -12.17
C GLU B 335 -15.34 38.55 -12.73
N HIS B 336 -14.85 39.53 -11.96
CA HIS B 336 -14.90 40.92 -12.38
C HIS B 336 -14.22 41.14 -13.73
N HIS B 337 -13.06 40.50 -13.90
CA HIS B 337 -12.30 40.63 -15.14
C HIS B 337 -13.08 40.13 -16.35
N HIS B 338 -14.02 39.21 -16.12
CA HIS B 338 -14.85 38.68 -17.20
C HIS B 338 -15.99 39.63 -17.56
#